data_8TNJ
#
_entry.id   8TNJ
#
_cell.length_a   1.00
_cell.length_b   1.00
_cell.length_c   1.00
_cell.angle_alpha   90.00
_cell.angle_beta   90.00
_cell.angle_gamma   90.00
#
_symmetry.space_group_name_H-M   'P 1'
#
loop_
_entity.id
_entity.type
_entity.pdbx_description
1 polymer '9mer peptide,Beta-2-microglobulin,MHC class I antigen chimera'
2 polymer 'B.8 Fab light chain'
3 polymer 'B.8 Fab heavy chain'
4 polymer 'B.1 Fab heavy chain'
5 polymer 'B.1 Fab light chain'
#
loop_
_entity_poly.entity_id
_entity_poly.type
_entity_poly.pdbx_seq_one_letter_code
_entity_poly.pdbx_strand_id
1 'polypeptide(L)'
;NRFLGDYVVGGGGSGGGGSGGGGSIQRTPKIQVYSRHPAENGKSNFLNCYVSGFHPSDIEVDLLKNGERIEKVEHSDLSF
SKDWSFYLLYYTEFTPTEKDEYACRVNHVTLSQPKIVKWDRDMGGGGSGGGGSGGGGSGGGGSGSHSMRYFHTSVSRPGR
GEPRFITVGYVDDTQFVRFDSDAASPREEPRAPWIEQEGPEYWDRNTQICKAKAQTDRVGLRNLRGYYNQSEDGSHTWQT
MYGCDMGPDGRLLRGYNQFAYDGKDYIALNEDLRSWTAADTAAQITQRKWEAARVAEQLRAYLEGECVEWLRRHLENGKE
TLQRADPPKTHVTHHPISDHEATLRCWALGFYPAEITLTWQRDGEDQTQDTELVETRPAGDGTFQKWAAVVVPSGQEQRY
TCHVQHEGLQEPLTLRWKPGGSGLEVLFQGPHHHHHHHH
;
A
2 'polypeptide(L)'
;SDIQMTQSPSSLSASVGDRVTITCRASQSVSSAVAWYQQKPGKAPKLLIYSASSLYSGVPSRFSGSRSGTDFTLTISSLQ
PEDFATYYCQQSWSAYPFTFGQGTKVEIKRTVAAPSVFIFPPSDSQLKSGTASVVCLLNNFYPREAKVQWKVDNALQSGN
SQESVTEQDSKDSTYSLSSTLTLSKADYEKHKVYACEVTHQGLSSPVTKSFNRGEC
;
C
3 'polypeptide(L)'
;EISEVQLVESGGGLVQPGGSLRLSCAASGFNVSSYSIHWVRQAPGKGLEWVASISPYSGYTYYADSVKGRFTISADTSKN
TAYLQMNSLRAEDTAVYYCARLIFYMWSSAMDYWGQGTLVTVSSASTKGPSVFPLAPSSKSTSGGTAALGCLVKDYFPEP
VTVSWNSGALTSGVHTFPAVLQSSGLYSLSSVVTVPSSSLGTQTYICNVNHKPSNTKVDKKVEPKSCDKTHT
;
D
4 'polypeptide(L)'
;EISEVQLVESGGGLVQPGGSLRLSCAASGFNVSYYSIHWVRQAPGKGLEWVASISPYSGSTSYADSVKGRFTISADTSKN
TAYLQMNSLRAEDTAVYYCARYSYGNSWSYDPYYGAMDYWGQGTLVTVSSASTKGPSVFPLAPSSKSTSGGTAALGCLVK
DYFPEPVTVSWNSGALTSGVHTFPAVLQSSGLYSLSSVVTVPSSSLGTQTYICNVNHKPSNTKVDKKVEPKSCDKTHT
;
E
5 'polypeptide(L)'
;SDIQMTQSPSSLSASVGDRVTITCRASQSVSSAVAWYQQKPGKAPKLLIYSASSLYSGVPSRFSGSRSGTDFTLTISSLQ
PEDFATYYCQQYYWAPITFGQGTKVEIKRTVAAPSVFIFPPSDSQLKSGTASVVCLLNNFYPREAKVQWKVDNALQSGNS
QESVTEQDSKDSTYSLSSTLTLSKADYEKHKVYACEVTHQGLSSPVTKSFNRGEC
;
F
#
# COMPACT_ATOMS: atom_id res chain seq x y z
N ASN A 1 18.72 11.12 -7.15
CA ASN A 1 17.45 11.11 -7.88
C ASN A 1 16.99 9.68 -8.11
N ARG A 2 15.98 9.25 -7.35
CA ARG A 2 15.51 7.88 -7.46
C ARG A 2 14.91 7.64 -8.85
N PHE A 3 14.80 6.37 -9.20
CA PHE A 3 14.22 5.94 -10.46
C PHE A 3 12.88 5.28 -10.18
N LEU A 4 11.86 5.62 -10.98
CA LEU A 4 10.50 5.12 -10.75
C LEU A 4 10.37 3.76 -11.41
N GLY A 5 10.63 2.71 -10.64
CA GLY A 5 10.56 1.35 -11.14
C GLY A 5 9.15 0.81 -11.17
N ASP A 6 8.37 1.24 -12.16
CA ASP A 6 6.95 0.91 -12.25
C ASP A 6 6.80 -0.36 -13.10
N TYR A 7 7.05 -1.51 -12.48
CA TYR A 7 6.83 -2.78 -13.15
C TYR A 7 6.67 -3.86 -12.08
N VAL A 8 5.46 -4.37 -11.92
CA VAL A 8 5.17 -5.41 -10.95
C VAL A 8 5.56 -6.76 -11.51
N VAL A 9 5.59 -7.79 -10.67
CA VAL A 9 5.88 -9.13 -11.11
C VAL A 9 4.58 -9.88 -11.34
N ILE A 25 15.62 -19.68 2.59
CA ILE A 25 16.90 -19.27 3.22
C ILE A 25 16.66 -18.58 4.56
N GLN A 26 17.49 -18.94 5.55
CA GLN A 26 17.48 -18.28 6.84
C GLN A 26 18.91 -18.30 7.38
N ARG A 27 19.45 -17.12 7.66
CA ARG A 27 20.83 -16.98 8.09
C ARG A 27 20.89 -16.63 9.58
N THR A 28 21.82 -17.26 10.29
CA THR A 28 22.01 -16.97 11.70
C THR A 28 22.71 -15.64 11.88
N PRO A 29 22.20 -14.71 12.70
CA PRO A 29 22.89 -13.43 12.88
C PRO A 29 24.27 -13.62 13.49
N LYS A 30 25.15 -12.67 13.17
CA LYS A 30 26.51 -12.62 13.73
C LYS A 30 26.57 -11.42 14.66
N ILE A 31 26.32 -11.66 15.94
CA ILE A 31 26.23 -10.58 16.91
C ILE A 31 27.63 -10.10 17.27
N GLN A 32 27.82 -8.79 17.28
CA GLN A 32 29.08 -8.18 17.69
C GLN A 32 28.76 -7.03 18.63
N VAL A 33 29.29 -7.10 19.85
CA VAL A 33 29.17 -6.02 20.82
C VAL A 33 30.55 -5.40 20.99
N TYR A 34 30.64 -4.09 20.80
CA TYR A 34 31.93 -3.40 20.82
C TYR A 34 31.68 -1.94 21.14
N SER A 35 32.77 -1.17 21.18
CA SER A 35 32.72 0.23 21.57
C SER A 35 33.27 1.09 20.44
N ARG A 36 32.61 2.23 20.20
CA ARG A 36 33.01 3.09 19.09
C ARG A 36 34.47 3.52 19.22
N HIS A 37 35.00 3.54 20.43
CA HIS A 37 36.38 3.89 20.70
C HIS A 37 36.92 2.97 21.78
N PRO A 38 38.24 2.88 21.93
CA PRO A 38 38.80 2.09 23.03
C PRO A 38 38.23 2.56 24.36
N ALA A 39 37.87 1.59 25.21
CA ALA A 39 37.11 1.88 26.41
C ALA A 39 38.03 2.42 27.50
N GLU A 40 37.77 3.65 27.93
CA GLU A 40 38.42 4.25 29.09
C GLU A 40 37.37 4.39 30.19
N ASN A 41 37.66 3.87 31.37
CA ASN A 41 36.71 3.93 32.47
C ASN A 41 36.34 5.38 32.77
N GLY A 42 35.03 5.64 32.79
CA GLY A 42 34.53 6.96 33.09
C GLY A 42 34.49 7.93 31.93
N LYS A 43 34.97 7.54 30.75
CA LYS A 43 34.97 8.40 29.58
C LYS A 43 33.78 8.08 28.70
N SER A 44 33.04 9.11 28.30
CA SER A 44 31.84 8.94 27.49
C SER A 44 32.16 8.14 26.23
N ASN A 45 31.59 6.95 26.11
CA ASN A 45 31.85 6.04 25.01
C ASN A 45 30.53 5.51 24.48
N PHE A 46 30.56 5.01 23.25
CA PHE A 46 29.38 4.46 22.60
C PHE A 46 29.47 2.94 22.57
N LEU A 47 28.38 2.28 22.94
CA LEU A 47 28.29 0.82 22.90
C LEU A 47 27.39 0.41 21.74
N ASN A 48 27.87 -0.52 20.92
CA ASN A 48 27.18 -0.95 19.71
C ASN A 48 26.89 -2.44 19.78
N CYS A 49 25.81 -2.85 19.13
CA CYS A 49 25.47 -4.26 18.95
C CYS A 49 25.14 -4.46 17.47
N TYR A 50 26.16 -4.71 16.68
CA TYR A 50 26.03 -4.78 15.22
C TYR A 50 25.73 -6.22 14.81
N VAL A 51 24.46 -6.55 14.69
CA VAL A 51 24.06 -7.88 14.23
C VAL A 51 24.02 -7.85 12.70
N SER A 52 24.69 -8.80 12.08
CA SER A 52 24.78 -8.83 10.62
C SER A 52 24.65 -10.27 10.12
N GLY A 53 24.35 -10.38 8.84
CA GLY A 53 24.29 -11.67 8.20
C GLY A 53 23.08 -12.51 8.54
N PHE A 54 21.99 -11.88 8.97
CA PHE A 54 20.79 -12.59 9.36
C PHE A 54 19.69 -12.43 8.33
N HIS A 55 18.73 -13.34 8.38
CA HIS A 55 17.57 -13.35 7.50
C HIS A 55 16.59 -14.37 8.05
N PRO A 56 15.28 -14.09 8.10
CA PRO A 56 14.56 -12.89 7.65
C PRO A 56 14.82 -11.64 8.50
N SER A 57 14.01 -10.60 8.27
CA SER A 57 14.32 -9.28 8.81
C SER A 57 14.02 -9.17 10.30
N ASP A 58 12.95 -9.83 10.77
CA ASP A 58 12.54 -9.68 12.16
C ASP A 58 13.63 -10.15 13.11
N ILE A 59 13.95 -9.32 14.10
CA ILE A 59 14.95 -9.68 15.10
C ILE A 59 14.79 -8.82 16.34
N GLU A 60 14.79 -9.44 17.51
CA GLU A 60 14.70 -8.71 18.79
C GLU A 60 16.12 -8.40 19.25
N VAL A 61 16.48 -7.13 19.25
CA VAL A 61 17.78 -6.67 19.74
C VAL A 61 17.54 -5.66 20.85
N ASP A 62 18.24 -5.84 21.97
CA ASP A 62 18.13 -4.96 23.12
C ASP A 62 19.46 -4.91 23.87
N LEU A 63 20.01 -3.71 24.01
CA LEU A 63 21.25 -3.51 24.74
C LEU A 63 20.98 -3.58 26.24
N LEU A 64 21.93 -4.16 26.97
CA LEU A 64 21.78 -4.37 28.41
C LEU A 64 22.82 -3.57 29.16
N LYS A 65 22.60 -3.43 30.47
CA LYS A 65 23.57 -2.87 31.40
C LYS A 65 23.31 -3.48 32.78
N ASN A 66 24.12 -4.47 33.16
CA ASN A 66 23.96 -5.15 34.44
C ASN A 66 22.60 -5.84 34.53
N GLY A 67 22.15 -6.42 33.42
CA GLY A 67 20.89 -7.12 33.37
C GLY A 67 19.68 -6.26 33.09
N GLU A 68 19.77 -4.95 33.35
CA GLU A 68 18.67 -4.05 33.07
C GLU A 68 18.73 -3.64 31.60
N ARG A 69 17.57 -3.63 30.95
CA ARG A 69 17.51 -3.15 29.58
C ARG A 69 17.85 -1.66 29.54
N ILE A 70 18.54 -1.25 28.49
CA ILE A 70 18.83 0.17 28.27
C ILE A 70 17.75 0.76 27.40
N GLU A 71 17.25 1.94 27.79
CA GLU A 71 16.31 2.67 26.97
C GLU A 71 17.03 3.76 26.18
N LYS A 72 16.27 4.50 25.39
CA LYS A 72 16.79 5.58 24.54
C LYS A 72 18.03 5.13 23.76
N VAL A 73 17.99 3.93 23.19
CA VAL A 73 19.05 3.51 22.28
C VAL A 73 18.68 3.91 20.85
N GLU A 74 19.71 3.99 20.01
CA GLU A 74 19.56 4.42 18.63
C GLU A 74 20.01 3.30 17.70
N HIS A 75 19.27 3.11 16.61
CA HIS A 75 19.58 2.06 15.65
C HIS A 75 19.49 2.60 14.24
N SER A 76 20.16 1.93 13.31
CA SER A 76 20.26 2.40 11.94
C SER A 76 19.13 1.86 11.09
N ASP A 77 19.02 2.37 9.87
CA ASP A 77 17.97 1.96 8.96
C ASP A 77 18.32 0.63 8.31
N LEU A 78 17.34 -0.26 8.21
CA LEU A 78 17.58 -1.60 7.71
C LEU A 78 18.16 -1.58 6.31
N SER A 79 19.22 -2.36 6.11
CA SER A 79 19.86 -2.51 4.81
C SER A 79 20.20 -3.98 4.60
N PHE A 80 20.99 -4.28 3.57
CA PHE A 80 21.48 -5.64 3.41
C PHE A 80 22.75 -5.61 2.58
N SER A 81 23.49 -6.72 2.62
CA SER A 81 24.71 -6.87 1.86
C SER A 81 24.40 -7.39 0.47
N LYS A 82 25.42 -7.83 -0.26
CA LYS A 82 25.21 -8.36 -1.60
C LYS A 82 24.38 -9.64 -1.57
N ASP A 83 24.61 -10.50 -0.59
CA ASP A 83 23.88 -11.76 -0.48
C ASP A 83 22.51 -11.60 0.14
N TRP A 84 21.99 -10.38 0.24
CA TRP A 84 20.64 -10.08 0.73
C TRP A 84 20.49 -10.29 2.23
N SER A 85 21.56 -10.64 2.94
CA SER A 85 21.48 -10.78 4.39
C SER A 85 21.46 -9.41 5.05
N PHE A 86 20.61 -9.26 6.05
CA PHE A 86 20.39 -7.97 6.67
C PHE A 86 21.49 -7.63 7.67
N TYR A 87 21.49 -6.39 8.14
CA TYR A 87 22.37 -5.99 9.21
C TYR A 87 21.86 -4.71 9.84
N LEU A 88 22.03 -4.60 11.16
CA LEU A 88 21.61 -3.44 11.94
C LEU A 88 22.74 -3.01 12.86
N LEU A 89 22.70 -1.75 13.26
CA LEU A 89 23.63 -1.20 14.25
C LEU A 89 22.81 -0.61 15.39
N TYR A 90 22.66 -1.37 16.47
CA TYR A 90 22.06 -0.84 17.68
C TYR A 90 23.14 -0.27 18.58
N TYR A 91 23.06 1.03 18.84
CA TYR A 91 24.07 1.69 19.65
C TYR A 91 23.38 2.61 20.65
N THR A 92 24.14 3.00 21.67
CA THR A 92 23.64 3.87 22.72
C THR A 92 24.82 4.57 23.36
N GLU A 93 24.61 5.82 23.77
CA GLU A 93 25.63 6.55 24.49
C GLU A 93 25.69 6.05 25.93
N PHE A 94 26.91 5.78 26.40
CA PHE A 94 27.11 5.22 27.72
C PHE A 94 28.47 5.68 28.23
N THR A 95 28.79 5.30 29.47
CA THR A 95 30.11 5.52 30.03
C THR A 95 30.55 4.23 30.71
N PRO A 96 31.70 3.66 30.36
CA PRO A 96 32.13 2.41 30.96
C PRO A 96 32.73 2.59 32.34
N THR A 97 32.80 1.49 33.07
CA THR A 97 33.34 1.46 34.41
C THR A 97 33.98 0.08 34.62
N GLU A 98 34.23 -0.25 35.89
CA GLU A 98 34.73 -1.58 36.21
C GLU A 98 33.58 -2.54 36.51
N LYS A 99 32.60 -2.07 37.28
CA LYS A 99 31.51 -2.95 37.70
C LYS A 99 30.54 -3.21 36.55
N ASP A 100 30.23 -2.19 35.76
CA ASP A 100 29.15 -2.29 34.79
C ASP A 100 29.49 -3.29 33.70
N GLU A 101 28.70 -4.37 33.62
CA GLU A 101 28.82 -5.36 32.56
C GLU A 101 27.70 -5.14 31.56
N TYR A 102 28.05 -5.19 30.27
CA TYR A 102 27.12 -4.87 29.19
C TYR A 102 26.97 -6.05 28.25
N ALA A 103 25.73 -6.35 27.88
CA ALA A 103 25.43 -7.44 26.96
C ALA A 103 24.39 -6.97 25.96
N CYS A 104 24.31 -7.69 24.85
CA CYS A 104 23.26 -7.47 23.85
C CYS A 104 22.42 -8.73 23.75
N ARG A 105 21.11 -8.59 23.97
CA ARG A 105 20.20 -9.73 23.95
C ARG A 105 19.56 -9.78 22.57
N VAL A 106 20.15 -10.58 21.68
CA VAL A 106 19.65 -10.76 20.32
C VAL A 106 18.88 -12.07 20.27
N ASN A 107 17.69 -12.03 19.68
CA ASN A 107 16.87 -13.22 19.48
C ASN A 107 16.42 -13.26 18.03
N HIS A 108 16.44 -14.45 17.44
CA HIS A 108 16.08 -14.63 16.04
C HIS A 108 15.54 -16.03 15.86
N VAL A 109 14.87 -16.26 14.73
CA VAL A 109 14.22 -17.55 14.51
C VAL A 109 15.26 -18.67 14.44
N THR A 110 16.41 -18.41 13.83
CA THR A 110 17.44 -19.44 13.72
C THR A 110 17.89 -19.88 15.12
N LEU A 111 18.12 -18.93 16.01
CA LEU A 111 18.48 -19.26 17.38
C LEU A 111 17.30 -19.94 18.08
N SER A 112 17.62 -20.80 19.05
CA SER A 112 16.61 -21.47 19.85
C SER A 112 16.41 -20.83 21.21
N GLN A 113 17.36 -20.03 21.68
CA GLN A 113 17.22 -19.20 22.86
C GLN A 113 17.88 -17.87 22.57
N PRO A 114 17.49 -16.81 23.26
CA PRO A 114 18.14 -15.51 23.01
C PRO A 114 19.64 -15.62 23.20
N LYS A 115 20.39 -14.99 22.32
CA LYS A 115 21.84 -15.00 22.39
C LYS A 115 22.31 -13.80 23.18
N ILE A 116 23.17 -14.05 24.17
CA ILE A 116 23.74 -13.00 25.02
C ILE A 116 25.23 -12.93 24.73
N VAL A 117 25.69 -11.75 24.31
CA VAL A 117 27.10 -11.49 24.02
C VAL A 117 27.56 -10.42 24.99
N LYS A 118 28.40 -10.83 25.95
CA LYS A 118 28.95 -9.89 26.92
C LYS A 118 30.03 -9.04 26.27
N TRP A 119 30.07 -7.77 26.67
CA TRP A 119 31.05 -6.83 26.13
C TRP A 119 32.40 -7.07 26.82
N ASP A 120 33.10 -8.10 26.34
CA ASP A 120 34.47 -8.32 26.77
C ASP A 120 35.35 -7.27 26.11
N ARG A 121 35.96 -6.41 26.93
CA ARG A 121 36.64 -5.23 26.38
C ARG A 121 37.62 -5.61 25.29
N ASP A 122 38.36 -6.70 25.49
CA ASP A 122 39.38 -7.11 24.52
C ASP A 122 38.79 -7.44 23.16
N MET A 123 37.50 -7.76 23.09
CA MET A 123 36.84 -7.99 21.81
C MET A 123 36.21 -6.70 21.33
N SER A 145 36.46 3.19 -7.76
CA SER A 145 35.21 3.61 -8.38
C SER A 145 34.23 4.11 -7.34
N HIS A 146 33.05 4.52 -7.80
CA HIS A 146 31.95 4.96 -6.94
C HIS A 146 30.70 4.20 -7.34
N SER A 147 29.64 4.37 -6.55
CA SER A 147 28.37 3.73 -6.89
C SER A 147 27.22 4.30 -6.07
N MET A 148 26.17 4.76 -6.75
CA MET A 148 24.92 5.14 -6.11
C MET A 148 23.96 3.96 -6.25
N ARG A 149 23.50 3.43 -5.13
CA ARG A 149 22.59 2.30 -5.13
C ARG A 149 21.40 2.61 -4.24
N TYR A 150 20.29 1.91 -4.50
CA TYR A 150 19.04 2.15 -3.78
C TYR A 150 18.49 0.80 -3.34
N PHE A 151 18.63 0.50 -2.06
CA PHE A 151 18.10 -0.72 -1.49
C PHE A 151 16.67 -0.49 -1.02
N HIS A 152 15.80 -1.45 -1.30
CA HIS A 152 14.43 -1.41 -0.81
C HIS A 152 14.09 -2.74 -0.18
N THR A 153 13.32 -2.69 0.90
CA THR A 153 12.83 -3.89 1.56
C THR A 153 11.34 -3.74 1.78
N SER A 154 10.58 -4.75 1.40
CA SER A 154 9.13 -4.79 1.60
C SER A 154 8.82 -6.08 2.35
N VAL A 155 8.43 -5.97 3.61
CA VAL A 155 8.17 -7.12 4.45
C VAL A 155 6.67 -7.18 4.70
N SER A 156 6.03 -8.22 4.18
CA SER A 156 4.60 -8.36 4.34
C SER A 156 4.24 -8.64 5.79
N ARG A 157 3.15 -8.04 6.25
CA ARG A 157 2.63 -8.23 7.60
C ARG A 157 1.16 -8.61 7.46
N PRO A 158 0.85 -9.90 7.37
CA PRO A 158 -0.51 -10.29 6.96
C PRO A 158 -1.61 -9.76 7.88
N GLY A 159 -1.33 -9.59 9.16
CA GLY A 159 -2.35 -9.12 10.09
C GLY A 159 -2.02 -7.79 10.74
N ARG A 160 -0.80 -7.30 10.53
CA ARG A 160 -0.33 -6.07 11.16
C ARG A 160 -0.37 -4.88 10.20
N GLY A 161 -1.32 -4.86 9.28
CA GLY A 161 -1.50 -3.73 8.39
C GLY A 161 -0.80 -3.91 7.06
N GLU A 162 -0.48 -2.76 6.45
CA GLU A 162 0.15 -2.77 5.14
C GLU A 162 1.59 -3.24 5.25
N PRO A 163 2.18 -3.70 4.15
CA PRO A 163 3.56 -4.20 4.21
C PRO A 163 4.50 -3.14 4.77
N ARG A 164 5.44 -3.59 5.59
CA ARG A 164 6.49 -2.70 6.08
C ARG A 164 7.49 -2.48 4.96
N PHE A 165 7.37 -1.35 4.28
CA PHE A 165 8.30 -0.98 3.22
C PHE A 165 9.31 0.00 3.76
N ILE A 166 10.58 -0.39 3.76
CA ILE A 166 11.69 0.50 4.11
C ILE A 166 12.66 0.50 2.94
N THR A 167 13.17 1.68 2.60
CA THR A 167 14.09 1.83 1.49
C THR A 167 15.20 2.79 1.88
N VAL A 168 16.40 2.51 1.40
CA VAL A 168 17.59 3.28 1.75
C VAL A 168 18.39 3.51 0.47
N GLY A 169 18.92 4.72 0.32
CA GLY A 169 19.76 5.03 -0.82
C GLY A 169 21.17 5.34 -0.37
N TYR A 170 22.14 4.59 -0.90
CA TYR A 170 23.54 4.74 -0.51
C TYR A 170 24.34 5.43 -1.60
N VAL A 171 25.53 5.89 -1.23
CA VAL A 171 26.55 6.33 -2.17
C VAL A 171 27.86 5.77 -1.64
N ASP A 172 28.44 4.83 -2.38
CA ASP A 172 29.61 4.08 -1.89
C ASP A 172 29.18 3.46 -0.56
N ASP A 173 29.96 3.60 0.51
CA ASP A 173 29.59 3.02 1.80
C ASP A 173 28.70 3.94 2.62
N THR A 174 28.50 5.17 2.18
CA THR A 174 27.76 6.17 2.95
C THR A 174 26.26 6.09 2.64
N GLN A 175 25.47 6.48 3.63
CA GLN A 175 24.02 6.58 3.49
C GLN A 175 23.64 8.05 3.39
N PHE A 176 22.67 8.36 2.51
CA PHE A 176 22.27 9.73 2.30
C PHE A 176 20.78 9.96 2.16
N VAL A 177 19.94 8.92 2.16
CA VAL A 177 18.48 9.10 2.24
C VAL A 177 17.89 7.85 2.89
N ARG A 178 16.64 7.96 3.31
CA ARG A 178 15.87 6.82 3.78
C ARG A 178 14.39 7.20 3.68
N PHE A 179 13.54 6.19 3.65
CA PHE A 179 12.10 6.43 3.58
C PHE A 179 11.41 5.22 4.20
N ASP A 180 10.88 5.40 5.42
CA ASP A 180 10.27 4.32 6.17
C ASP A 180 8.76 4.35 6.00
N SER A 181 8.17 3.17 5.77
CA SER A 181 6.72 3.08 5.58
C SER A 181 5.99 3.53 6.83
N ASP A 182 6.51 3.18 8.01
CA ASP A 182 5.80 3.38 9.27
C ASP A 182 6.10 4.71 9.94
N ALA A 183 6.88 5.58 9.30
CA ALA A 183 7.13 6.89 9.88
C ALA A 183 5.81 7.65 10.03
N ALA A 184 5.85 8.72 10.83
CA ALA A 184 4.64 9.49 11.09
C ALA A 184 4.05 10.04 9.80
N SER A 185 4.88 10.73 9.01
CA SER A 185 4.47 11.27 7.71
C SER A 185 5.50 10.79 6.70
N PRO A 186 5.29 9.60 6.13
CA PRO A 186 6.30 9.02 5.22
C PRO A 186 6.81 10.01 4.19
N ARG A 187 8.10 10.33 4.23
CA ARG A 187 8.68 11.31 3.33
C ARG A 187 10.15 10.99 3.12
N GLU A 188 10.61 11.18 1.89
CA GLU A 188 12.04 11.02 1.60
C GLU A 188 12.81 11.96 2.50
N GLU A 189 13.55 11.42 3.47
CA GLU A 189 14.14 12.22 4.54
C GLU A 189 15.65 12.11 4.51
N PRO A 190 16.37 13.24 4.48
CA PRO A 190 17.83 13.17 4.34
C PRO A 190 18.49 12.49 5.54
N ARG A 191 19.63 11.87 5.28
CA ARG A 191 20.44 11.27 6.33
C ARG A 191 21.91 11.62 6.21
N ALA A 192 22.26 12.65 5.45
CA ALA A 192 23.64 13.04 5.24
C ALA A 192 23.79 14.54 5.36
N PRO A 193 24.98 15.04 5.71
CA PRO A 193 25.16 16.48 5.91
C PRO A 193 25.33 17.29 4.63
N TRP A 194 25.19 16.67 3.46
CA TRP A 194 25.32 17.37 2.20
C TRP A 194 24.10 17.25 1.30
N ILE A 195 23.09 16.49 1.70
CA ILE A 195 21.95 16.20 0.83
C ILE A 195 20.79 17.11 1.19
N GLU A 196 20.73 17.53 2.46
CA GLU A 196 19.62 18.37 2.91
C GLU A 196 19.59 19.73 2.23
N GLN A 197 20.68 20.12 1.55
CA GLN A 197 20.71 21.37 0.82
C GLN A 197 19.90 21.32 -0.49
N GLU A 198 19.42 20.15 -0.89
CA GLU A 198 18.57 20.06 -2.06
C GLU A 198 17.25 20.79 -1.80
N GLY A 199 16.64 21.28 -2.87
CA GLY A 199 15.40 22.01 -2.77
C GLY A 199 14.19 21.10 -2.70
N PRO A 200 13.00 21.71 -2.55
CA PRO A 200 11.79 20.88 -2.47
C PRO A 200 11.58 20.01 -3.68
N GLU A 201 11.91 20.50 -4.88
CA GLU A 201 11.71 19.70 -6.08
C GLU A 201 12.38 18.34 -5.95
N TYR A 202 13.54 18.30 -5.27
CA TYR A 202 14.22 17.03 -5.06
C TYR A 202 13.39 16.10 -4.17
N TRP A 203 12.91 16.61 -3.03
CA TRP A 203 12.23 15.75 -2.07
C TRP A 203 10.81 15.42 -2.49
N ASP A 204 10.17 16.26 -3.31
CA ASP A 204 8.82 15.95 -3.76
C ASP A 204 8.82 14.85 -4.81
N ARG A 205 9.80 14.85 -5.71
CA ARG A 205 9.86 13.79 -6.71
C ARG A 205 10.35 12.48 -6.10
N ASN A 206 11.37 12.56 -5.24
CA ASN A 206 11.85 11.34 -4.58
C ASN A 206 10.75 10.72 -3.71
N THR A 207 10.05 11.55 -2.94
CA THR A 207 8.96 11.03 -2.12
C THR A 207 7.88 10.42 -2.99
N GLN A 208 7.56 11.03 -4.12
CA GLN A 208 6.55 10.47 -5.02
C GLN A 208 6.97 9.09 -5.49
N ILE A 209 8.24 8.93 -5.86
CA ILE A 209 8.71 7.64 -6.35
C ILE A 209 8.59 6.58 -5.27
N CYS A 210 9.07 6.90 -4.06
CA CYS A 210 9.10 5.89 -3.00
C CYS A 210 7.69 5.42 -2.65
N LYS A 211 6.74 6.35 -2.55
CA LYS A 211 5.36 5.96 -2.32
C LYS A 211 4.78 5.22 -3.52
N ALA A 212 5.40 5.32 -4.68
CA ALA A 212 5.04 4.50 -5.83
C ALA A 212 5.78 3.17 -5.81
N LYS A 213 7.05 3.18 -5.40
CA LYS A 213 7.80 1.93 -5.29
C LYS A 213 7.21 1.02 -4.21
N ALA A 214 6.76 1.61 -3.10
CA ALA A 214 6.13 0.81 -2.05
C ALA A 214 4.88 0.12 -2.57
N GLN A 215 4.05 0.86 -3.31
CA GLN A 215 2.84 0.27 -3.86
C GLN A 215 3.15 -0.73 -4.96
N THR A 216 4.26 -0.55 -5.68
CA THR A 216 4.71 -1.57 -6.62
C THR A 216 5.15 -2.83 -5.89
N ASP A 217 5.99 -2.67 -4.86
CA ASP A 217 6.47 -3.83 -4.10
C ASP A 217 5.31 -4.54 -3.42
N ARG A 218 4.37 -3.78 -2.85
CA ARG A 218 3.21 -4.38 -2.20
C ARG A 218 2.49 -5.34 -3.14
N VAL A 219 2.35 -4.93 -4.40
CA VAL A 219 1.70 -5.81 -5.39
C VAL A 219 2.56 -7.04 -5.65
N GLY A 220 3.88 -6.85 -5.70
CA GLY A 220 4.76 -7.99 -5.96
C GLY A 220 4.61 -9.09 -4.93
N LEU A 221 4.56 -8.70 -3.66
CA LEU A 221 4.45 -9.69 -2.59
C LEU A 221 3.15 -10.48 -2.70
N ARG A 222 2.05 -9.80 -3.04
CA ARG A 222 0.78 -10.49 -3.17
C ARG A 222 0.84 -11.56 -4.24
N ASN A 223 1.45 -11.24 -5.39
CA ASN A 223 1.49 -12.19 -6.50
C ASN A 223 2.47 -13.32 -6.26
N LEU A 224 3.50 -13.10 -5.44
CA LEU A 224 4.48 -14.15 -5.19
C LEU A 224 3.93 -15.24 -4.29
N ARG A 225 2.98 -14.90 -3.40
CA ARG A 225 2.25 -15.94 -2.71
C ARG A 225 1.43 -16.79 -3.68
N GLY A 226 1.14 -16.26 -4.86
CA GLY A 226 0.39 -16.99 -5.87
C GLY A 226 1.29 -17.84 -6.74
N TYR A 227 2.39 -17.27 -7.22
CA TYR A 227 3.32 -18.03 -8.04
C TYR A 227 3.77 -19.28 -7.30
N TYR A 228 4.25 -19.12 -6.07
CA TYR A 228 4.51 -20.25 -5.20
C TYR A 228 3.17 -20.71 -4.62
N ASN A 229 3.22 -21.62 -3.65
CA ASN A 229 2.06 -21.99 -2.86
C ASN A 229 2.40 -21.66 -1.41
N GLN A 230 1.84 -20.56 -0.90
CA GLN A 230 2.17 -20.07 0.43
C GLN A 230 0.90 -19.62 1.13
N SER A 231 0.80 -19.95 2.41
CA SER A 231 -0.33 -19.51 3.21
C SER A 231 -0.20 -18.03 3.55
N GLU A 232 -1.35 -17.39 3.83
CA GLU A 232 -1.38 -15.99 4.19
C GLU A 232 -0.96 -15.74 5.63
N ASP A 233 -0.50 -16.77 6.35
CA ASP A 233 -0.15 -16.65 7.75
C ASP A 233 1.31 -16.28 7.99
N GLY A 234 2.14 -16.24 6.95
CA GLY A 234 3.56 -16.02 7.10
C GLY A 234 4.00 -14.68 6.51
N SER A 235 5.03 -14.10 7.12
CA SER A 235 5.61 -12.85 6.62
C SER A 235 6.80 -13.17 5.74
N HIS A 236 6.81 -12.61 4.53
CA HIS A 236 7.86 -12.83 3.55
C HIS A 236 8.59 -11.53 3.27
N THR A 237 9.49 -11.56 2.30
CA THR A 237 10.32 -10.42 1.98
C THR A 237 10.40 -10.26 0.47
N TRP A 238 10.66 -9.02 0.04
CA TRP A 238 10.96 -8.76 -1.37
C TRP A 238 11.99 -7.64 -1.38
N GLN A 239 13.25 -8.02 -1.42
CA GLN A 239 14.34 -7.04 -1.51
C GLN A 239 14.62 -6.73 -2.96
N THR A 240 14.85 -5.45 -3.25
CA THR A 240 15.22 -5.02 -4.58
C THR A 240 16.36 -4.02 -4.46
N MET A 241 17.17 -3.95 -5.51
CA MET A 241 18.34 -3.10 -5.50
C MET A 241 18.63 -2.66 -6.92
N TYR A 242 19.06 -1.42 -7.07
CA TYR A 242 19.52 -0.93 -8.36
C TYR A 242 20.50 0.19 -8.10
N GLY A 243 21.26 0.52 -9.13
CA GLY A 243 22.27 1.55 -9.00
C GLY A 243 23.15 1.57 -10.22
N CYS A 244 24.14 2.45 -10.17
CA CYS A 244 24.98 2.74 -11.34
C CYS A 244 26.42 2.91 -10.87
N ASP A 245 27.25 1.90 -11.14
CA ASP A 245 28.68 2.06 -10.94
C ASP A 245 29.21 3.10 -11.92
N MET A 246 30.32 3.73 -11.55
CA MET A 246 30.92 4.76 -12.38
C MET A 246 32.43 4.74 -12.15
N GLY A 247 33.17 4.17 -13.09
CA GLY A 247 34.61 4.18 -13.04
C GLY A 247 35.14 5.61 -13.06
N PRO A 248 36.46 5.75 -13.00
CA PRO A 248 37.05 7.10 -13.01
C PRO A 248 36.72 7.88 -14.27
N ASP A 249 36.39 7.21 -15.38
CA ASP A 249 36.10 7.90 -16.63
C ASP A 249 34.82 8.72 -16.56
N GLY A 250 34.02 8.57 -15.51
CA GLY A 250 32.78 9.32 -15.41
C GLY A 250 31.68 8.82 -16.31
N ARG A 251 31.75 7.56 -16.73
CA ARG A 251 30.71 6.93 -17.52
C ARG A 251 30.31 5.62 -16.85
N LEU A 252 29.07 5.21 -17.07
CA LEU A 252 28.54 4.02 -16.43
C LEU A 252 29.45 2.83 -16.68
N LEU A 253 29.79 2.11 -15.60
CA LEU A 253 30.64 0.93 -15.68
C LEU A 253 29.87 -0.37 -15.59
N ARG A 254 28.80 -0.42 -14.79
CA ARG A 254 27.90 -1.56 -14.78
C ARG A 254 26.61 -1.20 -14.04
N GLY A 255 25.47 -1.36 -14.69
CA GLY A 255 24.19 -1.11 -14.06
C GLY A 255 23.70 -2.30 -13.27
N TYR A 256 22.90 -2.02 -12.24
CA TYR A 256 22.36 -3.05 -11.37
C TYR A 256 20.84 -2.93 -11.29
N ASN A 257 20.16 -4.07 -11.36
CA ASN A 257 18.74 -4.13 -11.03
C ASN A 257 18.45 -5.58 -10.64
N GLN A 258 18.35 -5.82 -9.34
CA GLN A 258 18.22 -7.16 -8.81
C GLN A 258 16.94 -7.28 -7.99
N PHE A 259 16.57 -8.52 -7.67
CA PHE A 259 15.40 -8.79 -6.86
C PHE A 259 15.61 -10.08 -6.11
N ALA A 260 15.17 -10.12 -4.86
CA ALA A 260 15.24 -11.33 -4.04
C ALA A 260 13.90 -11.56 -3.38
N TYR A 261 13.48 -12.82 -3.34
CA TYR A 261 12.31 -13.24 -2.59
C TYR A 261 12.78 -14.20 -1.49
N ASP A 262 12.44 -13.88 -0.25
CA ASP A 262 12.78 -14.70 0.91
C ASP A 262 14.29 -14.93 1.02
N GLY A 263 15.08 -13.94 0.64
CA GLY A 263 16.51 -13.96 0.90
C GLY A 263 17.34 -14.72 -0.11
N LYS A 264 16.85 -14.90 -1.33
CA LYS A 264 17.61 -15.59 -2.38
C LYS A 264 17.42 -14.84 -3.68
N ASP A 265 18.44 -14.91 -4.54
CA ASP A 265 18.38 -14.25 -5.83
C ASP A 265 17.12 -14.68 -6.59
N TYR A 266 16.43 -13.71 -7.17
CA TYR A 266 15.21 -13.97 -7.92
C TYR A 266 15.37 -13.65 -9.40
N ILE A 267 15.73 -12.41 -9.74
CA ILE A 267 15.88 -12.01 -11.12
C ILE A 267 16.75 -10.76 -11.14
N ALA A 268 17.73 -10.75 -12.05
CA ALA A 268 18.74 -9.72 -12.06
C ALA A 268 18.92 -9.18 -13.48
N LEU A 269 19.48 -7.96 -13.55
CA LEU A 269 19.78 -7.31 -14.80
C LEU A 269 21.23 -7.60 -15.18
N ASN A 270 21.43 -8.06 -16.41
CA ASN A 270 22.77 -8.40 -16.88
C ASN A 270 23.54 -7.14 -17.26
N GLU A 271 24.87 -7.27 -17.32
CA GLU A 271 25.71 -6.12 -17.61
C GLU A 271 25.35 -5.48 -18.93
N ASP A 272 24.82 -6.26 -19.88
CA ASP A 272 24.46 -5.70 -21.18
C ASP A 272 23.33 -4.68 -21.08
N LEU A 273 22.59 -4.67 -19.97
CA LEU A 273 21.47 -3.75 -19.76
C LEU A 273 20.38 -3.96 -20.82
N ARG A 274 20.27 -5.18 -21.34
CA ARG A 274 19.27 -5.51 -22.35
C ARG A 274 18.52 -6.80 -22.06
N SER A 275 19.10 -7.72 -21.29
CA SER A 275 18.50 -9.02 -21.00
C SER A 275 18.29 -9.15 -19.50
N TRP A 276 17.77 -10.30 -19.10
CA TRP A 276 17.51 -10.59 -17.70
C TRP A 276 18.00 -11.99 -17.36
N THR A 277 18.44 -12.16 -16.12
CA THR A 277 18.84 -13.45 -15.59
C THR A 277 17.81 -13.91 -14.56
N ALA A 278 17.21 -15.06 -14.80
CA ALA A 278 16.23 -15.64 -13.90
C ALA A 278 16.87 -16.77 -13.11
N ALA A 279 16.81 -16.67 -11.77
CA ALA A 279 17.52 -17.60 -10.92
C ALA A 279 16.72 -18.86 -10.58
N ASP A 280 15.42 -18.87 -10.84
CA ASP A 280 14.59 -20.04 -10.56
C ASP A 280 13.50 -20.11 -11.62
N THR A 281 12.67 -21.16 -11.50
CA THR A 281 11.62 -21.38 -12.51
C THR A 281 10.59 -20.28 -12.49
N ALA A 282 10.19 -19.83 -11.30
CA ALA A 282 9.22 -18.73 -11.22
C ALA A 282 9.80 -17.43 -11.75
N ALA A 283 11.11 -17.23 -11.60
CA ALA A 283 11.74 -16.04 -12.14
C ALA A 283 11.76 -16.05 -13.66
N GLN A 284 11.58 -17.21 -14.29
CA GLN A 284 11.44 -17.26 -15.74
C GLN A 284 10.08 -16.74 -16.18
N ILE A 285 9.03 -17.07 -15.43
CA ILE A 285 7.69 -16.60 -15.76
C ILE A 285 7.69 -15.08 -15.84
N THR A 286 8.27 -14.42 -14.85
CA THR A 286 8.33 -12.96 -14.85
C THR A 286 9.36 -12.43 -15.84
N GLN A 287 10.42 -13.20 -16.10
CA GLN A 287 11.47 -12.69 -16.98
C GLN A 287 10.95 -12.41 -18.38
N ARG A 288 10.10 -13.29 -18.91
CA ARG A 288 9.46 -13.03 -20.19
C ARG A 288 8.61 -11.76 -20.12
N LYS A 289 7.86 -11.59 -19.02
CA LYS A 289 6.94 -10.47 -18.92
C LYS A 289 7.67 -9.14 -18.97
N TRP A 290 8.92 -9.09 -18.52
CA TRP A 290 9.71 -7.87 -18.57
C TRP A 290 10.54 -7.75 -19.83
N GLU A 291 10.55 -8.76 -20.69
CA GLU A 291 11.21 -8.68 -21.98
C GLU A 291 10.26 -8.17 -23.06
N ALA A 292 9.00 -8.60 -23.02
CA ALA A 292 8.01 -8.09 -23.97
C ALA A 292 7.76 -6.61 -23.75
N ALA A 293 7.65 -6.18 -22.50
CA ALA A 293 7.35 -4.79 -22.17
C ALA A 293 8.58 -3.89 -22.28
N ARG A 294 9.76 -4.46 -22.52
CA ARG A 294 10.98 -3.67 -22.69
C ARG A 294 11.21 -2.73 -21.51
N VAL A 295 10.96 -3.24 -20.30
CA VAL A 295 11.21 -2.44 -19.11
C VAL A 295 12.69 -2.09 -19.01
N ALA A 296 13.56 -2.99 -19.48
CA ALA A 296 14.99 -2.71 -19.45
C ALA A 296 15.34 -1.43 -20.20
N GLU A 297 14.50 -1.04 -21.17
CA GLU A 297 14.78 0.15 -21.96
C GLU A 297 14.83 1.40 -21.09
N GLN A 298 13.84 1.55 -20.20
CA GLN A 298 13.85 2.70 -19.29
C GLN A 298 15.00 2.60 -18.30
N LEU A 299 15.30 1.40 -17.81
CA LEU A 299 16.39 1.24 -16.86
C LEU A 299 17.72 1.68 -17.46
N ARG A 300 17.96 1.31 -18.72
CA ARG A 300 19.21 1.71 -19.38
C ARG A 300 19.29 3.22 -19.51
N ALA A 301 18.18 3.86 -19.89
CA ALA A 301 18.20 5.31 -20.06
C ALA A 301 18.57 6.01 -18.76
N TYR A 302 17.96 5.57 -17.65
CA TYR A 302 18.31 6.16 -16.35
C TYR A 302 19.70 5.72 -15.91
N LEU A 303 20.00 4.43 -16.01
CA LEU A 303 21.27 3.92 -15.52
C LEU A 303 22.44 4.55 -16.26
N GLU A 304 22.35 4.64 -17.58
CA GLU A 304 23.41 5.27 -18.35
C GLU A 304 23.36 6.79 -18.27
N GLY A 305 22.21 7.37 -17.97
CA GLY A 305 22.04 8.80 -17.97
C GLY A 305 21.83 9.39 -16.58
N GLU A 306 20.58 9.61 -16.22
CA GLU A 306 20.25 10.33 -14.98
C GLU A 306 20.93 9.72 -13.77
N CYS A 307 21.14 8.40 -13.77
CA CYS A 307 21.75 7.75 -12.61
C CYS A 307 23.18 8.22 -12.39
N VAL A 308 24.02 8.17 -13.43
CA VAL A 308 25.43 8.54 -13.26
C VAL A 308 25.55 10.04 -13.08
N GLU A 309 24.76 10.82 -13.81
CA GLU A 309 24.90 12.27 -13.75
C GLU A 309 24.67 12.80 -12.33
N TRP A 310 23.65 12.29 -11.66
CA TRP A 310 23.42 12.68 -10.27
C TRP A 310 24.53 12.17 -9.36
N LEU A 311 25.02 10.95 -9.61
CA LEU A 311 26.13 10.44 -8.81
C LEU A 311 27.31 11.41 -8.86
N ARG A 312 27.57 11.99 -10.03
CA ARG A 312 28.63 12.99 -10.15
C ARG A 312 28.30 14.21 -9.30
N ARG A 313 27.04 14.65 -9.31
CA ARG A 313 26.64 15.78 -8.48
C ARG A 313 26.82 15.46 -7.00
N HIS A 314 26.27 14.33 -6.55
CA HIS A 314 26.43 13.93 -5.16
C HIS A 314 27.90 13.93 -4.76
N LEU A 315 28.77 13.46 -5.65
CA LEU A 315 30.20 13.55 -5.40
C LEU A 315 30.66 15.01 -5.37
N GLU A 316 30.07 15.86 -6.21
CA GLU A 316 30.45 17.26 -6.20
C GLU A 316 29.88 17.98 -4.98
N ASN A 317 28.62 17.70 -4.64
CA ASN A 317 28.04 18.29 -3.44
C ASN A 317 28.71 17.74 -2.18
N GLY A 318 28.84 16.41 -2.11
CA GLY A 318 29.36 15.77 -0.92
C GLY A 318 30.83 15.42 -0.99
N LYS A 319 31.57 16.09 -1.89
CA LYS A 319 32.99 15.80 -2.05
C LYS A 319 33.74 15.83 -0.73
N GLU A 320 33.20 16.48 0.29
CA GLU A 320 33.87 16.55 1.58
C GLU A 320 34.01 15.17 2.21
N THR A 321 32.96 14.34 2.12
CA THR A 321 32.91 13.06 2.82
C THR A 321 33.00 11.86 1.90
N LEU A 322 32.24 11.82 0.80
CA LEU A 322 32.26 10.65 -0.06
C LEU A 322 33.67 10.42 -0.62
N GLN A 323 34.31 11.48 -1.11
CA GLN A 323 35.62 11.37 -1.73
C GLN A 323 36.76 11.39 -0.71
N ARG A 324 36.47 11.20 0.56
CA ARG A 324 37.50 11.19 1.58
C ARG A 324 38.16 9.82 1.67
N ALA A 325 39.22 9.74 2.47
CA ALA A 325 39.91 8.46 2.70
C ALA A 325 40.73 8.60 3.97
N ASP A 326 40.38 7.81 4.99
CA ASP A 326 41.10 7.83 6.26
C ASP A 326 41.89 6.54 6.40
N PRO A 327 43.23 6.57 6.46
CA PRO A 327 43.98 5.34 6.63
C PRO A 327 43.66 4.69 7.96
N PRO A 328 43.64 3.36 8.03
CA PRO A 328 43.37 2.70 9.32
C PRO A 328 44.47 2.96 10.33
N LYS A 329 44.09 2.99 11.60
CA LYS A 329 45.03 3.01 12.71
C LYS A 329 45.15 1.58 13.24
N THR A 330 46.37 1.05 13.22
CA THR A 330 46.60 -0.37 13.44
C THR A 330 47.32 -0.61 14.76
N HIS A 331 46.85 -1.59 15.53
CA HIS A 331 47.50 -2.03 16.77
C HIS A 331 47.27 -3.51 16.92
N VAL A 332 48.30 -4.22 17.39
CA VAL A 332 48.26 -5.67 17.55
C VAL A 332 48.32 -6.00 19.03
N THR A 333 47.38 -6.81 19.51
CA THR A 333 47.28 -7.19 20.91
C THR A 333 47.37 -8.70 21.04
N HIS A 334 47.99 -9.14 22.13
CA HIS A 334 48.24 -10.57 22.37
C HIS A 334 47.74 -10.94 23.75
N HIS A 335 46.87 -11.94 23.82
CA HIS A 335 46.37 -12.46 25.09
C HIS A 335 46.52 -13.98 25.07
N PRO A 336 47.30 -14.56 25.99
CA PRO A 336 47.53 -16.01 25.92
C PRO A 336 46.43 -16.81 26.60
N ILE A 337 46.07 -17.93 25.98
CA ILE A 337 45.19 -18.92 26.59
C ILE A 337 45.97 -20.08 27.19
N SER A 338 47.29 -19.97 27.26
CA SER A 338 48.15 -20.98 27.86
C SER A 338 49.50 -20.35 28.15
N ASP A 339 50.35 -21.10 28.85
CA ASP A 339 51.68 -20.61 29.16
C ASP A 339 52.66 -20.77 28.00
N HIS A 340 52.24 -21.40 26.90
CA HIS A 340 53.11 -21.59 25.75
C HIS A 340 52.41 -21.34 24.42
N GLU A 341 51.10 -21.05 24.42
CA GLU A 341 50.36 -20.74 23.21
C GLU A 341 49.47 -19.53 23.46
N ALA A 342 49.15 -18.81 22.39
CA ALA A 342 48.37 -17.59 22.52
C ALA A 342 47.68 -17.29 21.19
N THR A 343 46.68 -16.41 21.26
CA THR A 343 45.96 -15.93 20.09
C THR A 343 46.41 -14.49 19.82
N LEU A 344 46.90 -14.25 18.60
CA LEU A 344 47.39 -12.94 18.21
C LEU A 344 46.35 -12.25 17.34
N ARG A 345 46.08 -10.98 17.62
CA ARG A 345 45.00 -10.24 16.98
C ARG A 345 45.53 -8.93 16.43
N CYS A 346 45.22 -8.66 15.15
CA CYS A 346 45.60 -7.42 14.48
C CYS A 346 44.34 -6.57 14.32
N TRP A 347 44.40 -5.30 14.73
CA TRP A 347 43.24 -4.43 14.79
C TRP A 347 43.35 -3.33 13.75
N ALA A 348 42.24 -3.07 13.05
CA ALA A 348 42.14 -1.96 12.11
C ALA A 348 40.96 -1.09 12.52
N LEU A 349 41.22 0.20 12.74
CA LEU A 349 40.23 1.09 13.33
C LEU A 349 40.11 2.38 12.54
N GLY A 350 38.88 2.87 12.43
CA GLY A 350 38.63 4.21 11.93
C GLY A 350 39.06 4.47 10.50
N PHE A 351 38.71 3.58 9.58
CA PHE A 351 39.03 3.73 8.18
C PHE A 351 37.75 3.79 7.35
N TYR A 352 37.86 4.47 6.19
CA TYR A 352 36.78 4.60 5.25
C TYR A 352 37.46 4.83 3.90
N PRO A 353 36.99 4.21 2.80
CA PRO A 353 35.82 3.33 2.63
C PRO A 353 35.92 1.99 3.37
N ALA A 354 34.84 1.21 3.32
CA ALA A 354 34.77 0.00 4.13
C ALA A 354 35.77 -1.06 3.67
N GLU A 355 35.81 -1.31 2.36
CA GLU A 355 36.58 -2.44 1.84
C GLU A 355 38.02 -2.40 2.33
N ILE A 356 38.47 -3.51 2.91
CA ILE A 356 39.81 -3.63 3.46
C ILE A 356 40.23 -5.08 3.39
N THR A 357 41.53 -5.30 3.18
CA THR A 357 42.12 -6.64 3.19
C THR A 357 43.05 -6.73 4.38
N LEU A 358 42.86 -7.77 5.20
CA LEU A 358 43.63 -7.93 6.43
C LEU A 358 43.68 -9.42 6.76
N THR A 359 44.88 -9.99 6.71
CA THR A 359 45.04 -11.42 6.93
C THR A 359 46.40 -11.69 7.56
N TRP A 360 46.55 -12.87 8.13
CA TRP A 360 47.74 -13.24 8.88
C TRP A 360 48.71 -14.05 8.03
N GLN A 361 50.00 -13.89 8.32
CA GLN A 361 51.06 -14.58 7.61
C GLN A 361 52.15 -14.99 8.57
N ARG A 362 52.75 -16.15 8.32
CA ARG A 362 53.90 -16.63 9.08
C ARG A 362 55.15 -16.46 8.22
N ASP A 363 56.08 -15.63 8.69
CA ASP A 363 57.30 -15.25 8.00
C ASP A 363 57.03 -14.43 6.73
N GLY A 364 55.77 -14.12 6.43
CA GLY A 364 55.45 -13.40 5.21
C GLY A 364 55.44 -14.30 3.99
N ASP A 366 51.60 -16.53 4.98
CA ASP A 366 50.22 -16.56 4.51
C ASP A 366 49.42 -17.66 5.19
N GLN A 367 48.37 -17.27 5.92
CA GLN A 367 47.49 -18.22 6.61
C GLN A 367 46.04 -17.89 6.26
N THR A 368 45.58 -18.40 5.12
CA THR A 368 44.18 -18.23 4.75
C THR A 368 43.29 -19.18 5.53
N GLN A 369 43.74 -20.40 5.76
CA GLN A 369 43.07 -21.33 6.66
C GLN A 369 43.65 -21.19 8.06
N ASP A 370 42.97 -21.81 9.02
CA ASP A 370 43.37 -21.74 10.44
C ASP A 370 43.44 -20.30 10.93
N THR A 371 42.60 -19.43 10.39
CA THR A 371 42.54 -18.03 10.78
C THR A 371 41.10 -17.62 10.97
N GLU A 372 40.87 -16.70 11.92
CA GLU A 372 39.54 -16.21 12.24
C GLU A 372 39.48 -14.73 11.93
N LEU A 373 38.50 -14.34 11.12
CA LEU A 373 38.39 -12.96 10.64
C LEU A 373 36.93 -12.55 10.72
N VAL A 374 36.67 -11.42 11.38
CA VAL A 374 35.29 -11.00 11.63
C VAL A 374 34.78 -10.16 10.46
N GLU A 375 33.45 -10.07 10.37
CA GLU A 375 32.83 -9.14 9.44
C GLU A 375 33.24 -7.71 9.78
N THR A 376 33.43 -6.88 8.76
CA THR A 376 33.81 -5.51 9.00
C THR A 376 32.72 -4.81 9.82
N ARG A 377 33.13 -4.10 10.87
CA ARG A 377 32.20 -3.53 11.83
C ARG A 377 31.96 -2.06 11.54
N PRO A 378 30.73 -1.58 11.56
CA PRO A 378 30.48 -0.13 11.43
C PRO A 378 30.58 0.54 12.78
N ALA A 379 31.44 1.55 12.89
CA ALA A 379 31.63 2.25 14.15
C ALA A 379 30.48 3.19 14.49
N GLY A 380 29.59 3.47 13.53
CA GLY A 380 28.44 4.32 13.77
C GLY A 380 28.67 5.79 13.52
N ASP A 381 29.89 6.21 13.20
CA ASP A 381 30.20 7.59 12.88
C ASP A 381 30.62 7.76 11.42
N GLY A 382 30.32 6.78 10.58
CA GLY A 382 30.79 6.78 9.20
C GLY A 382 32.03 5.95 8.97
N THR A 383 32.79 5.64 10.03
CA THR A 383 33.98 4.81 9.92
C THR A 383 33.65 3.36 10.27
N PHE A 384 34.62 2.48 10.03
CA PHE A 384 34.47 1.06 10.25
C PHE A 384 35.65 0.53 11.07
N GLN A 385 35.52 -0.73 11.51
CA GLN A 385 36.56 -1.40 12.28
C GLN A 385 36.56 -2.88 11.95
N LYS A 386 37.70 -3.52 12.19
CA LYS A 386 37.82 -4.96 11.97
C LYS A 386 39.08 -5.46 12.65
N TRP A 387 39.11 -6.76 12.91
CA TRP A 387 40.30 -7.42 13.44
C TRP A 387 40.35 -8.86 12.93
N ALA A 388 41.55 -9.41 12.93
CA ALA A 388 41.78 -10.80 12.54
C ALA A 388 42.74 -11.44 13.53
N ALA A 389 42.51 -12.71 13.82
CA ALA A 389 43.28 -13.42 14.84
C ALA A 389 43.72 -14.77 14.31
N VAL A 390 44.81 -15.28 14.88
CA VAL A 390 45.36 -16.58 14.52
C VAL A 390 46.13 -17.12 15.72
N VAL A 391 45.94 -18.40 16.01
CA VAL A 391 46.64 -19.03 17.13
C VAL A 391 48.11 -19.16 16.80
N VAL A 392 48.96 -19.12 17.83
CA VAL A 392 50.40 -19.23 17.65
C VAL A 392 51.02 -19.89 18.88
N PRO A 393 52.02 -20.76 18.72
CA PRO A 393 52.90 -21.07 19.85
C PRO A 393 53.64 -19.82 20.29
N SER A 394 53.94 -19.76 21.59
CA SER A 394 54.52 -18.55 22.16
C SER A 394 55.81 -18.16 21.45
N GLY A 395 56.70 -19.13 21.22
CA GLY A 395 57.97 -18.82 20.60
C GLY A 395 57.82 -18.40 19.15
N GLN A 396 58.82 -17.63 18.70
CA GLN A 396 58.91 -17.19 17.30
C GLN A 396 57.69 -16.37 16.88
N GLU A 397 57.04 -15.71 17.84
CA GLU A 397 55.94 -14.81 17.48
C GLU A 397 56.44 -13.62 16.67
N GLN A 398 57.71 -13.25 16.83
CA GLN A 398 58.27 -12.16 16.06
C GLN A 398 58.38 -12.50 14.57
N ARG A 399 58.22 -13.77 14.20
CA ARG A 399 58.16 -14.13 12.79
C ARG A 399 56.83 -13.75 12.17
N TYR A 400 55.76 -13.74 12.95
CA TYR A 400 54.43 -13.44 12.41
C TYR A 400 54.33 -11.97 12.03
N THR A 401 53.29 -11.67 11.25
CA THR A 401 53.01 -10.30 10.83
C THR A 401 51.63 -10.26 10.18
N CYS A 402 50.96 -9.12 10.33
CA CYS A 402 49.70 -8.86 9.65
C CYS A 402 49.90 -7.74 8.64
N HIS A 403 49.24 -7.86 7.49
CA HIS A 403 49.40 -6.92 6.38
C HIS A 403 48.08 -6.24 6.10
N VAL A 404 48.11 -4.92 5.96
CA VAL A 404 46.92 -4.10 5.83
C VAL A 404 46.96 -3.43 4.46
N GLN A 405 45.97 -3.71 3.63
CA GLN A 405 45.81 -3.09 2.32
C GLN A 405 44.46 -2.38 2.29
N HIS A 406 44.46 -1.10 1.93
CA HIS A 406 43.23 -0.32 1.92
C HIS A 406 43.32 0.75 0.85
N GLU A 407 42.15 1.19 0.36
CA GLU A 407 42.10 2.20 -0.68
C GLU A 407 42.76 3.50 -0.22
N GLY A 408 42.41 3.97 0.97
CA GLY A 408 42.99 5.17 1.51
C GLY A 408 44.47 5.05 1.87
N LEU A 409 45.01 3.84 1.84
CA LEU A 409 46.41 3.62 2.20
C LEU A 409 47.28 3.76 0.95
N GLN A 410 48.33 4.58 1.06
CA GLN A 410 49.16 4.87 -0.10
C GLN A 410 50.16 3.75 -0.36
N GLU A 411 50.75 3.20 0.70
CA GLU A 411 51.70 2.10 0.56
C GLU A 411 51.26 0.90 1.40
N PRO A 412 51.56 -0.33 0.95
CA PRO A 412 51.30 -1.50 1.79
C PRO A 412 51.77 -1.33 3.22
N LEU A 413 51.20 -2.11 4.14
CA LEU A 413 51.56 -2.04 5.54
C LEU A 413 51.85 -3.44 6.06
N THR A 414 52.66 -3.49 7.11
CA THR A 414 53.00 -4.73 7.78
C THR A 414 53.38 -4.42 9.22
N LEU A 415 52.93 -5.26 10.15
CA LEU A 415 53.19 -5.04 11.56
C LEU A 415 53.16 -6.38 12.28
N ARG A 416 53.82 -6.41 13.44
CA ARG A 416 53.86 -7.58 14.30
C ARG A 416 53.88 -7.14 15.76
N TRP A 417 53.43 -8.03 16.64
CA TRP A 417 53.36 -7.71 18.05
C TRP A 417 54.75 -7.49 18.63
N LYS A 418 54.89 -6.45 19.46
CA LYS A 418 56.18 -6.08 20.02
C LYS A 418 56.00 -5.29 21.30
N PRO A 419 55.97 -5.93 22.48
CA PRO A 419 55.76 -5.19 23.72
C PRO A 419 56.93 -4.27 24.06
N ASP B 2 -9.19 -9.73 -12.88
CA ASP B 2 -8.73 -8.47 -12.30
C ASP B 2 -9.58 -8.08 -11.10
N ILE B 3 -9.28 -6.91 -10.53
CA ILE B 3 -9.96 -6.46 -9.30
C ILE B 3 -11.21 -5.72 -9.78
N GLN B 4 -12.26 -6.50 -10.03
CA GLN B 4 -13.52 -5.97 -10.54
C GLN B 4 -14.32 -5.39 -9.38
N MET B 5 -14.17 -4.08 -9.18
CA MET B 5 -14.93 -3.40 -8.15
C MET B 5 -16.42 -3.54 -8.42
N THR B 6 -17.22 -3.20 -7.42
CA THR B 6 -18.67 -3.28 -7.54
C THR B 6 -19.29 -2.32 -6.56
N GLN B 7 -20.23 -1.50 -7.04
CA GLN B 7 -20.92 -0.52 -6.22
C GLN B 7 -22.38 -0.91 -6.07
N SER B 8 -22.83 -1.07 -4.83
CA SER B 8 -24.22 -1.32 -4.51
C SER B 8 -24.76 -0.16 -3.70
N PRO B 9 -25.89 0.45 -4.10
CA PRO B 9 -26.75 0.15 -5.23
C PRO B 9 -26.41 0.98 -6.46
N SER B 10 -26.92 0.57 -7.63
CA SER B 10 -26.66 1.32 -8.86
C SER B 10 -27.26 2.72 -8.79
N SER B 11 -28.44 2.85 -8.20
CA SER B 11 -29.09 4.15 -8.06
C SER B 11 -29.90 4.16 -6.78
N LEU B 12 -29.94 5.30 -6.11
CA LEU B 12 -30.68 5.44 -4.87
C LEU B 12 -31.20 6.86 -4.74
N SER B 13 -32.50 6.99 -4.51
CA SER B 13 -33.13 8.28 -4.30
C SER B 13 -33.46 8.43 -2.83
N ALA B 14 -32.92 9.46 -2.19
CA ALA B 14 -33.13 9.73 -0.78
C ALA B 14 -33.53 11.19 -0.60
N SER B 15 -34.52 11.43 0.25
CA SER B 15 -34.99 12.78 0.49
C SER B 15 -33.90 13.60 1.15
N VAL B 16 -33.91 14.92 0.88
CA VAL B 16 -32.91 15.80 1.46
C VAL B 16 -32.94 15.67 2.97
N GLY B 17 -31.75 15.76 3.58
CA GLY B 17 -31.61 15.60 5.01
C GLY B 17 -31.46 14.18 5.49
N ASP B 18 -31.52 13.19 4.59
CA ASP B 18 -31.34 11.80 4.97
C ASP B 18 -29.88 11.40 4.87
N ARG B 19 -29.58 10.19 5.35
CA ARG B 19 -28.24 9.64 5.31
C ARG B 19 -28.14 8.65 4.16
N VAL B 20 -27.17 8.87 3.27
CA VAL B 20 -26.98 8.07 2.07
C VAL B 20 -25.75 7.20 2.28
N THR B 21 -25.90 5.90 2.04
CA THR B 21 -24.82 4.93 2.15
C THR B 21 -24.56 4.30 0.80
N ILE B 22 -23.31 4.34 0.35
CA ILE B 22 -22.90 3.76 -0.92
C ILE B 22 -21.80 2.74 -0.64
N THR B 23 -22.03 1.49 -1.01
CA THR B 23 -21.11 0.39 -0.72
C THR B 23 -20.36 0.01 -1.98
N CYS B 24 -19.03 0.01 -1.92
CA CYS B 24 -18.18 -0.45 -3.01
C CYS B 24 -17.36 -1.63 -2.50
N ARG B 25 -17.50 -2.78 -3.14
CA ARG B 25 -16.84 -4.00 -2.73
C ARG B 25 -15.86 -4.45 -3.80
N ALA B 26 -14.71 -4.96 -3.37
CA ALA B 26 -13.65 -5.40 -4.27
C ALA B 26 -13.58 -6.92 -4.30
N SER B 27 -13.37 -7.47 -5.49
CA SER B 27 -13.28 -8.92 -5.65
C SER B 27 -12.01 -9.50 -5.05
N GLN B 28 -11.06 -8.65 -4.66
CA GLN B 28 -9.86 -9.09 -3.95
C GLN B 28 -9.56 -8.10 -2.84
N SER B 29 -8.78 -8.54 -1.87
CA SER B 29 -8.40 -7.68 -0.75
C SER B 29 -7.50 -6.57 -1.28
N VAL B 30 -8.04 -5.36 -1.37
CA VAL B 30 -7.30 -4.20 -1.83
C VAL B 30 -6.78 -3.38 -0.66
N SER B 31 -6.74 -3.96 0.53
CA SER B 31 -6.21 -3.30 1.74
C SER B 31 -6.94 -1.97 1.90
N SER B 32 -6.23 -0.86 2.16
CA SER B 32 -6.84 0.42 2.43
C SER B 32 -6.59 1.42 1.30
N ALA B 33 -6.56 0.95 0.07
CA ALA B 33 -6.38 1.78 -1.12
C ALA B 33 -7.69 1.78 -1.90
N VAL B 34 -8.55 2.76 -1.59
CA VAL B 34 -9.80 2.95 -2.31
C VAL B 34 -10.13 4.44 -2.27
N ALA B 35 -10.76 4.92 -3.33
CA ALA B 35 -11.12 6.32 -3.43
C ALA B 35 -12.51 6.44 -4.04
N TRP B 36 -13.17 7.58 -3.77
CA TRP B 36 -14.49 7.88 -4.29
C TRP B 36 -14.44 9.19 -5.06
N TYR B 37 -15.17 9.23 -6.18
CA TYR B 37 -15.18 10.38 -7.07
C TYR B 37 -16.60 10.88 -7.25
N GLN B 38 -16.76 12.20 -7.33
CA GLN B 38 -18.05 12.83 -7.57
C GLN B 38 -18.02 13.49 -8.94
N GLN B 39 -19.02 13.17 -9.76
CA GLN B 39 -19.15 13.75 -11.10
C GLN B 39 -20.59 14.13 -11.34
N LYS B 40 -20.80 15.37 -11.72
CA LYS B 40 -22.12 15.81 -12.12
C LYS B 40 -22.31 15.64 -13.62
N PRO B 41 -23.52 15.39 -14.10
CA PRO B 41 -23.72 15.23 -15.54
C PRO B 41 -23.18 16.43 -16.31
N GLY B 42 -22.42 16.15 -17.36
CA GLY B 42 -21.86 17.20 -18.18
C GLY B 42 -20.65 17.91 -17.60
N LYS B 43 -20.08 17.40 -16.52
CA LYS B 43 -18.93 18.01 -15.86
C LYS B 43 -17.82 16.97 -15.72
N ALA B 44 -16.70 17.40 -15.16
CA ALA B 44 -15.58 16.49 -14.92
C ALA B 44 -15.63 15.97 -13.49
N PRO B 45 -15.33 14.68 -13.27
CA PRO B 45 -15.37 14.15 -11.91
C PRO B 45 -14.51 14.93 -10.93
N LYS B 46 -14.72 14.67 -9.63
CA LYS B 46 -13.92 15.26 -8.58
C LYS B 46 -13.70 14.21 -7.49
N LEU B 47 -12.62 14.37 -6.74
CA LEU B 47 -12.20 13.41 -5.73
C LEU B 47 -12.68 13.84 -4.35
N LEU B 48 -13.26 12.90 -3.61
CA LEU B 48 -13.74 13.15 -2.25
C LEU B 48 -12.94 12.37 -1.21
N ILE B 49 -12.93 11.04 -1.31
CA ILE B 49 -12.27 10.16 -0.37
C ILE B 49 -11.08 9.54 -1.09
N TYR B 50 -9.89 9.62 -0.48
CA TYR B 50 -8.69 9.11 -1.14
C TYR B 50 -8.08 7.92 -0.44
N SER B 51 -7.71 8.02 0.83
CA SER B 51 -7.03 6.91 1.49
C SER B 51 -8.01 5.98 2.18
N ALA B 52 -9.07 5.63 1.44
CA ALA B 52 -10.10 4.69 1.86
C ALA B 52 -11.00 5.24 2.97
N SER B 53 -10.57 6.31 3.64
CA SER B 53 -11.45 7.08 4.51
C SER B 53 -11.19 8.58 4.47
N SER B 54 -10.01 9.02 4.06
CA SER B 54 -9.63 10.42 4.23
C SER B 54 -10.39 11.31 3.26
N LEU B 55 -10.94 12.40 3.79
CA LEU B 55 -11.72 13.35 2.99
C LEU B 55 -10.77 14.31 2.29
N TYR B 56 -10.99 14.52 1.00
CA TYR B 56 -10.11 15.39 0.23
C TYR B 56 -10.21 16.83 0.75
N SER B 57 -9.07 17.52 0.76
CA SER B 57 -9.03 18.87 1.29
C SER B 57 -9.95 19.78 0.51
N GLY B 58 -10.97 20.31 1.19
CA GLY B 58 -11.96 21.20 0.59
C GLY B 58 -13.35 20.61 0.55
N VAL B 59 -13.45 19.29 0.42
CA VAL B 59 -14.77 18.65 0.32
C VAL B 59 -15.54 18.89 1.62
N PRO B 60 -16.85 19.11 1.58
CA PRO B 60 -17.59 19.36 2.82
C PRO B 60 -17.51 18.18 3.78
N SER B 61 -17.62 18.48 5.07
CA SER B 61 -17.53 17.46 6.10
C SER B 61 -18.69 16.48 6.09
N ARG B 62 -19.76 16.76 5.34
CA ARG B 62 -20.88 15.84 5.31
C ARG B 62 -20.52 14.51 4.64
N PHE B 63 -19.39 14.43 3.95
CA PHE B 63 -18.94 13.19 3.33
C PHE B 63 -18.05 12.42 4.28
N SER B 64 -18.17 11.09 4.25
CA SER B 64 -17.36 10.24 5.10
C SER B 64 -17.28 8.84 4.48
N GLY B 65 -16.16 8.17 4.72
CA GLY B 65 -15.95 6.84 4.17
C GLY B 65 -15.27 5.90 5.15
N SER B 66 -15.67 4.63 5.12
CA SER B 66 -15.20 3.64 6.07
C SER B 66 -14.67 2.42 5.34
N ARG B 67 -13.75 1.71 5.99
CA ARG B 67 -13.15 0.49 5.46
C ARG B 67 -13.59 -0.69 6.31
N SER B 68 -13.85 -1.82 5.66
CA SER B 68 -14.22 -3.04 6.36
C SER B 68 -13.84 -4.22 5.47
N GLY B 69 -12.83 -4.98 5.88
CA GLY B 69 -12.41 -6.15 5.13
C GLY B 69 -12.21 -5.84 3.67
N THR B 70 -13.09 -6.41 2.82
CA THR B 70 -13.13 -6.07 1.41
C THR B 70 -14.23 -5.06 1.09
N ASP B 71 -15.22 -4.90 1.95
CA ASP B 71 -16.28 -3.95 1.72
C ASP B 71 -15.82 -2.53 2.04
N PHE B 72 -16.31 -1.57 1.26
CA PHE B 72 -16.07 -0.16 1.51
C PHE B 72 -17.38 0.59 1.40
N THR B 73 -17.50 1.67 2.17
CA THR B 73 -18.73 2.46 2.19
C THR B 73 -18.39 3.94 2.18
N LEU B 74 -19.18 4.70 1.42
CA LEU B 74 -19.17 6.15 1.46
C LEU B 74 -20.49 6.62 2.08
N THR B 75 -20.39 7.55 3.02
CA THR B 75 -21.55 8.04 3.76
C THR B 75 -21.62 9.55 3.66
N ILE B 76 -22.79 10.05 3.27
CA ILE B 76 -23.07 11.48 3.27
C ILE B 76 -23.92 11.78 4.50
N SER B 77 -23.37 12.54 5.44
CA SER B 77 -24.07 12.77 6.70
C SER B 77 -25.43 13.41 6.48
N SER B 78 -25.47 14.50 5.72
CA SER B 78 -26.70 15.24 5.45
C SER B 78 -26.82 15.46 3.95
N LEU B 79 -27.86 14.88 3.34
CA LEU B 79 -28.09 15.06 1.92
C LEU B 79 -28.37 16.53 1.62
N GLN B 80 -27.77 17.03 0.55
CA GLN B 80 -27.87 18.42 0.15
C GLN B 80 -28.24 18.51 -1.32
N PRO B 81 -28.78 19.66 -1.75
CA PRO B 81 -29.15 19.81 -3.17
C PRO B 81 -27.97 19.63 -4.12
N GLU B 82 -26.91 20.40 -3.91
CA GLU B 82 -25.80 20.43 -4.85
C GLU B 82 -25.03 19.12 -4.93
N ASP B 83 -25.41 18.10 -4.16
CA ASP B 83 -24.74 16.81 -4.17
C ASP B 83 -25.37 15.82 -5.15
N PHE B 84 -26.35 16.25 -5.93
CA PHE B 84 -26.87 15.40 -7.00
C PHE B 84 -25.76 15.13 -8.01
N ALA B 85 -25.33 13.88 -8.10
CA ALA B 85 -24.20 13.51 -8.95
C ALA B 85 -24.15 11.99 -9.01
N THR B 86 -23.09 11.46 -9.60
CA THR B 86 -22.79 10.03 -9.56
C THR B 86 -21.45 9.83 -8.87
N TYR B 87 -21.38 8.81 -8.02
CA TYR B 87 -20.22 8.57 -7.17
C TYR B 87 -19.56 7.27 -7.58
N TYR B 88 -18.33 7.35 -8.07
CA TYR B 88 -17.57 6.20 -8.55
C TYR B 88 -16.46 5.88 -7.55
N CYS B 89 -16.38 4.61 -7.17
CA CYS B 89 -15.26 4.13 -6.35
C CYS B 89 -14.15 3.61 -7.25
N GLN B 90 -12.93 3.63 -6.71
CA GLN B 90 -11.76 3.27 -7.50
C GLN B 90 -10.71 2.69 -6.57
N GLN B 91 -10.02 1.66 -7.05
CA GLN B 91 -8.94 1.02 -6.30
C GLN B 91 -7.59 1.38 -6.93
N SER B 92 -6.68 1.88 -6.12
CA SER B 92 -5.30 2.12 -6.53
C SER B 92 -4.36 1.03 -6.02
N TRP B 93 -4.90 -0.10 -5.57
CA TRP B 93 -4.05 -1.20 -5.13
C TRP B 93 -3.13 -1.65 -6.26
N SER B 94 -3.70 -1.92 -7.44
CA SER B 94 -2.95 -2.43 -8.58
C SER B 94 -3.27 -1.56 -9.79
N ALA B 95 -2.39 -0.61 -10.10
CA ALA B 95 -2.50 0.09 -11.36
C ALA B 95 -2.37 -0.91 -12.51
N TYR B 96 -2.87 -0.52 -13.68
CA TYR B 96 -2.83 -1.41 -14.82
C TYR B 96 -3.58 -2.69 -14.51
N PRO B 97 -4.91 -2.67 -14.47
CA PRO B 97 -5.81 -1.52 -14.72
C PRO B 97 -6.22 -0.77 -13.46
N PHE B 98 -6.63 0.47 -13.63
CA PHE B 98 -7.02 1.34 -12.52
C PHE B 98 -8.54 1.26 -12.32
N THR B 99 -9.01 0.08 -11.94
CA THR B 99 -10.42 -0.25 -12.13
C THR B 99 -11.34 0.68 -11.36
N PHE B 100 -12.47 1.00 -11.97
CA PHE B 100 -13.54 1.78 -11.38
C PHE B 100 -14.78 0.91 -11.14
N GLY B 101 -15.73 1.47 -10.41
CA GLY B 101 -16.99 0.79 -10.19
C GLY B 101 -18.03 1.14 -11.25
N GLN B 102 -19.15 0.43 -11.20
CA GLN B 102 -20.23 0.68 -12.16
C GLN B 102 -20.86 2.04 -11.95
N GLY B 103 -20.63 2.68 -10.81
CA GLY B 103 -21.17 4.00 -10.57
C GLY B 103 -22.51 3.95 -9.85
N THR B 104 -22.74 4.96 -9.01
CA THR B 104 -23.97 5.10 -8.26
C THR B 104 -24.66 6.41 -8.67
N LYS B 105 -25.97 6.36 -8.82
CA LYS B 105 -26.76 7.55 -9.10
C LYS B 105 -27.50 7.96 -7.83
N VAL B 106 -27.24 9.18 -7.37
CA VAL B 106 -27.83 9.70 -6.14
C VAL B 106 -28.87 10.75 -6.53
N GLU B 107 -30.10 10.56 -6.05
CA GLU B 107 -31.22 11.41 -6.42
C GLU B 107 -31.89 11.95 -5.17
N ILE B 108 -32.55 13.10 -5.34
CA ILE B 108 -33.25 13.77 -4.24
C ILE B 108 -34.73 13.44 -4.34
N LYS B 109 -35.29 12.94 -3.24
CA LYS B 109 -36.70 12.60 -3.17
C LYS B 109 -37.46 13.75 -2.53
N ARG B 110 -38.56 14.16 -3.15
CA ARG B 110 -39.30 15.34 -2.72
C ARG B 110 -40.79 15.06 -2.84
N THR B 111 -41.59 16.12 -2.70
CA THR B 111 -43.03 16.03 -2.83
C THR B 111 -43.43 16.06 -4.31
N VAL B 112 -44.56 15.42 -4.61
CA VAL B 112 -45.05 15.41 -5.98
C VAL B 112 -45.38 16.84 -6.40
N ALA B 113 -44.87 17.24 -7.56
CA ALA B 113 -45.06 18.59 -8.08
C ALA B 113 -45.62 18.49 -9.49
N ALA B 114 -46.85 18.98 -9.68
CA ALA B 114 -47.52 18.85 -10.96
C ALA B 114 -46.82 19.70 -12.03
N PRO B 115 -46.97 19.34 -13.29
CA PRO B 115 -46.25 20.01 -14.37
C PRO B 115 -47.04 21.19 -14.94
N SER B 116 -46.34 21.98 -15.76
CA SER B 116 -46.95 23.01 -16.58
C SER B 116 -46.78 22.63 -18.04
N VAL B 117 -47.88 22.60 -18.77
CA VAL B 117 -47.91 22.09 -20.14
C VAL B 117 -47.93 23.25 -21.12
N PHE B 118 -47.09 23.16 -22.15
CA PHE B 118 -47.04 24.16 -23.21
C PHE B 118 -47.07 23.45 -24.56
N ILE B 119 -47.52 24.18 -25.57
CA ILE B 119 -47.57 23.67 -26.94
C ILE B 119 -47.05 24.76 -27.88
N PHE B 120 -46.19 24.35 -28.82
CA PHE B 120 -45.61 25.26 -29.80
C PHE B 120 -46.12 24.92 -31.19
N PRO B 121 -46.83 25.81 -31.88
CA PRO B 121 -47.30 25.49 -33.22
C PRO B 121 -46.12 25.38 -34.18
N PRO B 122 -46.12 24.40 -35.07
CA PRO B 122 -45.03 24.28 -36.05
C PRO B 122 -44.79 25.60 -36.77
N SER B 123 -43.56 26.10 -36.66
CA SER B 123 -43.24 27.40 -37.23
C SER B 123 -43.35 27.36 -38.74
N ASP B 124 -43.58 28.54 -39.33
CA ASP B 124 -43.69 28.64 -40.78
C ASP B 124 -42.38 28.28 -41.47
N SER B 125 -41.24 28.64 -40.86
CA SER B 125 -39.95 28.39 -41.51
C SER B 125 -39.75 26.89 -41.75
N GLN B 126 -39.99 26.06 -40.74
CA GLN B 126 -39.83 24.63 -40.91
C GLN B 126 -40.82 24.08 -41.92
N LEU B 127 -42.06 24.58 -41.88
CA LEU B 127 -43.08 24.08 -42.80
C LEU B 127 -42.69 24.35 -44.25
N LYS B 128 -42.14 25.54 -44.53
CA LYS B 128 -41.69 25.84 -45.87
C LYS B 128 -40.65 24.83 -46.35
N SER B 129 -39.74 24.44 -45.46
CA SER B 129 -38.74 23.43 -45.81
C SER B 129 -39.37 22.08 -46.12
N GLY B 130 -40.57 21.82 -45.63
CA GLY B 130 -41.24 20.55 -45.85
C GLY B 130 -41.36 19.66 -44.63
N THR B 131 -40.98 20.13 -43.45
CA THR B 131 -41.06 19.35 -42.23
C THR B 131 -41.83 20.13 -41.16
N ALA B 132 -42.49 19.39 -40.28
CA ALA B 132 -43.23 19.98 -39.17
C ALA B 132 -42.87 19.24 -37.89
N SER B 133 -42.86 19.98 -36.78
CA SER B 133 -42.50 19.40 -35.49
C SER B 133 -43.30 20.12 -34.40
N VAL B 134 -44.26 19.41 -33.81
CA VAL B 134 -45.01 19.91 -32.68
C VAL B 134 -44.27 19.54 -31.41
N VAL B 135 -44.18 20.49 -30.47
CA VAL B 135 -43.42 20.31 -29.25
C VAL B 135 -44.33 20.54 -28.05
N CYS B 136 -44.37 19.58 -27.14
CA CYS B 136 -45.11 19.69 -25.88
C CYS B 136 -44.12 19.69 -24.74
N LEU B 137 -44.22 20.69 -23.86
CA LEU B 137 -43.23 20.94 -22.83
C LEU B 137 -43.83 20.72 -21.44
N LEU B 138 -43.03 20.15 -20.55
CA LEU B 138 -43.36 20.01 -19.13
C LEU B 138 -42.17 20.52 -18.32
N ASN B 139 -42.41 21.52 -17.48
CA ASN B 139 -41.33 22.21 -16.77
C ASN B 139 -41.44 21.98 -15.27
N ASN B 140 -40.38 21.44 -14.67
CA ASN B 140 -40.21 21.38 -13.22
C ASN B 140 -41.38 20.63 -12.56
N PHE B 141 -41.42 19.33 -12.85
CA PHE B 141 -42.40 18.44 -12.25
C PHE B 141 -41.70 17.24 -11.64
N TYR B 142 -42.30 16.71 -10.57
CA TYR B 142 -41.78 15.55 -9.84
C TYR B 142 -42.94 14.61 -9.55
N PRO B 143 -42.75 13.29 -9.67
CA PRO B 143 -41.53 12.54 -10.01
C PRO B 143 -41.32 12.35 -11.51
N ARG B 144 -40.39 11.47 -11.89
CA ARG B 144 -39.91 11.29 -13.26
C ARG B 144 -40.89 10.57 -14.16
N GLU B 145 -42.15 10.32 -13.77
CA GLU B 145 -43.08 9.58 -14.59
C GLU B 145 -44.18 10.51 -15.08
N ALA B 146 -44.40 10.52 -16.40
CA ALA B 146 -45.43 11.37 -17.00
C ALA B 146 -45.75 10.84 -18.38
N LYS B 147 -47.01 10.50 -18.61
CA LYS B 147 -47.44 9.92 -19.87
C LYS B 147 -47.96 11.03 -20.79
N VAL B 148 -47.24 11.28 -21.87
CA VAL B 148 -47.57 12.35 -22.80
C VAL B 148 -48.26 11.70 -23.99
N GLN B 149 -49.60 11.68 -23.94
CA GLN B 149 -50.42 11.03 -24.95
C GLN B 149 -50.85 12.09 -25.97
N TRP B 150 -50.35 11.97 -27.20
CA TRP B 150 -50.70 12.91 -28.25
C TRP B 150 -52.12 12.64 -28.76
N LYS B 151 -52.77 13.71 -29.22
CA LYS B 151 -54.10 13.61 -29.81
C LYS B 151 -54.24 14.68 -30.87
N VAL B 152 -54.48 14.26 -32.11
CA VAL B 152 -54.63 15.18 -33.25
C VAL B 152 -56.04 15.02 -33.79
N ASP B 153 -56.76 16.14 -33.91
CA ASP B 153 -58.13 16.13 -34.43
C ASP B 153 -58.99 15.15 -33.65
N ASN B 154 -58.66 14.94 -32.38
CA ASN B 154 -59.28 13.98 -31.47
C ASN B 154 -58.82 12.56 -31.76
N ALA B 155 -58.04 12.33 -32.81
CA ALA B 155 -57.58 10.99 -33.16
C ALA B 155 -56.22 10.72 -32.54
N LEU B 156 -56.06 9.52 -31.98
CA LEU B 156 -54.81 9.14 -31.34
C LEU B 156 -53.74 8.93 -32.41
N GLN B 157 -52.64 9.69 -32.30
CA GLN B 157 -51.50 9.60 -33.20
C GLN B 157 -50.30 9.15 -32.38
N SER B 158 -50.10 7.84 -32.31
CA SER B 158 -49.00 7.25 -31.58
C SER B 158 -48.16 6.39 -32.53
N GLY B 159 -46.85 6.51 -32.42
CA GLY B 159 -45.94 5.75 -33.25
C GLY B 159 -45.02 6.62 -34.08
N ASN B 160 -45.05 7.92 -33.85
CA ASN B 160 -44.20 8.86 -34.58
C ASN B 160 -43.64 9.94 -33.67
N SER B 161 -43.41 9.62 -32.40
CA SER B 161 -42.98 10.60 -31.42
C SER B 161 -41.85 10.04 -30.58
N GLN B 162 -41.07 10.95 -30.00
CA GLN B 162 -39.98 10.61 -29.10
C GLN B 162 -40.11 11.43 -27.83
N GLU B 163 -39.51 10.93 -26.75
CA GLU B 163 -39.54 11.58 -25.46
C GLU B 163 -38.12 11.87 -25.00
N SER B 164 -37.92 13.06 -24.42
CA SER B 164 -36.60 13.49 -23.97
C SER B 164 -36.78 14.17 -22.61
N VAL B 165 -36.63 13.39 -21.54
CA VAL B 165 -36.65 13.94 -20.18
C VAL B 165 -35.27 14.51 -19.87
N THR B 166 -35.24 15.62 -19.14
CA THR B 166 -33.99 16.23 -18.74
C THR B 166 -33.55 15.66 -17.40
N GLU B 167 -32.43 16.16 -16.89
CA GLU B 167 -31.92 15.71 -15.60
C GLU B 167 -32.65 16.42 -14.46
N GLN B 168 -32.54 15.84 -13.27
CA GLN B 168 -33.15 16.44 -12.09
C GLN B 168 -32.60 17.83 -11.86
N ASP B 169 -33.48 18.75 -11.47
CA ASP B 169 -33.06 20.13 -11.20
C ASP B 169 -32.30 20.17 -9.89
N SER B 170 -31.00 20.47 -9.96
CA SER B 170 -30.17 20.47 -8.76
C SER B 170 -30.64 21.50 -7.74
N LYS B 171 -31.42 22.49 -8.17
CA LYS B 171 -31.94 23.51 -7.26
C LYS B 171 -33.27 23.09 -6.66
N ASP B 172 -34.27 22.83 -7.51
CA ASP B 172 -35.60 22.45 -7.05
C ASP B 172 -35.79 20.95 -6.87
N SER B 173 -34.97 20.14 -7.54
CA SER B 173 -35.11 18.69 -7.50
C SER B 173 -36.36 18.22 -8.23
N THR B 174 -36.62 18.81 -9.40
CA THR B 174 -37.75 18.47 -10.24
C THR B 174 -37.25 18.03 -11.62
N TYR B 175 -38.19 17.64 -12.48
CA TYR B 175 -37.88 17.18 -13.82
C TYR B 175 -38.63 18.02 -14.85
N SER B 176 -38.15 17.96 -16.09
CA SER B 176 -38.80 18.56 -17.24
C SER B 176 -38.79 17.56 -18.37
N LEU B 177 -39.82 17.62 -19.21
CA LEU B 177 -39.96 16.68 -20.32
C LEU B 177 -40.30 17.43 -21.59
N SER B 178 -39.94 16.82 -22.73
CA SER B 178 -40.24 17.38 -24.05
C SER B 178 -40.56 16.22 -24.98
N SER B 179 -41.80 16.21 -25.49
CA SER B 179 -42.25 15.19 -26.43
C SER B 179 -42.59 15.88 -27.75
N THR B 180 -42.11 15.30 -28.86
CA THR B 180 -42.24 15.89 -30.17
C THR B 180 -42.92 14.92 -31.12
N LEU B 181 -43.83 15.44 -31.93
CA LEU B 181 -44.53 14.67 -32.96
C LEU B 181 -44.11 15.19 -34.33
N THR B 182 -43.58 14.29 -35.15
CA THR B 182 -43.03 14.65 -36.46
C THR B 182 -43.98 14.22 -37.56
N LEU B 183 -44.34 15.16 -38.42
CA LEU B 183 -45.21 14.88 -39.56
C LEU B 183 -44.77 15.74 -40.73
N SER B 184 -44.79 15.17 -41.93
CA SER B 184 -44.37 15.90 -43.12
C SER B 184 -45.33 17.04 -43.41
N LYS B 185 -44.81 18.08 -44.08
CA LYS B 185 -45.61 19.28 -44.34
C LYS B 185 -46.94 18.93 -45.02
N ALA B 186 -46.92 17.94 -45.92
CA ALA B 186 -48.16 17.50 -46.55
C ALA B 186 -49.14 16.98 -45.51
N ASP B 187 -48.65 16.23 -44.54
CA ASP B 187 -49.53 15.73 -43.48
C ASP B 187 -50.09 16.88 -42.64
N TYR B 188 -49.27 17.90 -42.38
CA TYR B 188 -49.71 19.00 -41.53
C TYR B 188 -51.00 19.63 -42.06
N GLU B 189 -51.03 19.93 -43.36
CA GLU B 189 -52.22 20.53 -43.96
C GLU B 189 -53.40 19.59 -43.97
N LYS B 190 -53.19 18.29 -43.73
CA LYS B 190 -54.28 17.32 -43.72
C LYS B 190 -55.04 17.29 -42.40
N HIS B 191 -54.50 17.90 -41.34
CA HIS B 191 -55.16 17.92 -40.04
C HIS B 191 -55.00 19.31 -39.44
N LYS B 192 -55.95 19.68 -38.58
CA LYS B 192 -56.05 21.04 -38.08
C LYS B 192 -55.81 21.17 -36.59
N VAL B 193 -56.39 20.30 -35.77
CA VAL B 193 -56.33 20.42 -34.32
C VAL B 193 -55.32 19.40 -33.81
N TYR B 194 -54.28 19.89 -33.15
CA TYR B 194 -53.23 19.06 -32.55
C TYR B 194 -53.14 19.37 -31.07
N ALA B 195 -52.96 18.34 -30.26
CA ALA B 195 -52.92 18.50 -28.81
C ALA B 195 -52.03 17.43 -28.20
N CYS B 196 -51.57 17.71 -26.98
CA CYS B 196 -50.77 16.77 -26.21
C CYS B 196 -51.39 16.64 -24.83
N GLU B 197 -51.59 15.40 -24.38
CA GLU B 197 -52.22 15.11 -23.10
C GLU B 197 -51.17 14.62 -22.12
N VAL B 198 -51.13 15.25 -20.94
CA VAL B 198 -50.14 14.96 -19.92
C VAL B 198 -50.87 14.46 -18.68
N THR B 199 -50.55 13.23 -18.26
CA THR B 199 -51.06 12.67 -17.01
C THR B 199 -49.88 12.45 -16.07
N HIS B 200 -49.98 13.01 -14.87
CA HIS B 200 -48.85 13.03 -13.94
C HIS B 200 -49.35 12.70 -12.53
N GLN B 201 -48.40 12.23 -11.71
CA GLN B 201 -48.73 11.95 -10.31
C GLN B 201 -49.26 13.18 -9.60
N GLY B 202 -48.84 14.37 -10.01
CA GLY B 202 -49.29 15.60 -9.40
C GLY B 202 -50.59 16.15 -9.93
N LEU B 203 -51.17 15.52 -10.96
CA LEU B 203 -52.41 15.97 -11.57
C LEU B 203 -53.47 14.92 -11.42
N SER B 204 -54.65 15.32 -10.94
CA SER B 204 -55.75 14.37 -10.78
C SER B 204 -56.26 13.88 -12.13
N SER B 205 -56.32 14.76 -13.13
CA SER B 205 -56.74 14.41 -14.46
C SER B 205 -55.80 15.08 -15.46
N PRO B 206 -55.68 14.54 -16.67
CA PRO B 206 -54.74 15.11 -17.63
C PRO B 206 -55.11 16.54 -18.01
N VAL B 207 -54.09 17.36 -18.24
CA VAL B 207 -54.26 18.74 -18.67
C VAL B 207 -53.89 18.79 -20.15
N THR B 208 -54.88 19.08 -21.00
CA THR B 208 -54.70 19.05 -22.44
C THR B 208 -54.39 20.45 -22.95
N LYS B 209 -53.34 20.56 -23.74
CA LYS B 209 -52.96 21.80 -24.42
C LYS B 209 -53.03 21.57 -25.92
N SER B 210 -53.57 22.55 -26.65
CA SER B 210 -53.88 22.36 -28.06
C SER B 210 -53.76 23.69 -28.80
N PHE B 211 -53.91 23.61 -30.12
CA PHE B 211 -53.88 24.77 -30.99
C PHE B 211 -54.45 24.37 -32.33
N ASN B 212 -54.91 25.37 -33.09
CA ASN B 212 -55.48 25.15 -34.41
C ASN B 212 -54.77 26.02 -35.43
N ARG B 213 -54.51 25.44 -36.60
CA ARG B 213 -53.85 26.17 -37.68
C ARG B 213 -54.85 27.04 -38.43
N GLU C 4 -3.58 28.81 -10.88
CA GLU C 4 -4.44 27.63 -10.80
C GLU C 4 -3.84 26.45 -11.56
N VAL C 5 -4.34 25.26 -11.25
CA VAL C 5 -3.90 24.03 -11.90
C VAL C 5 -5.10 23.47 -12.66
N GLN C 6 -4.95 23.29 -13.97
CA GLN C 6 -6.03 22.84 -14.83
C GLN C 6 -5.49 21.88 -15.88
N LEU C 7 -6.41 21.18 -16.53
CA LEU C 7 -6.10 20.30 -17.65
C LEU C 7 -7.10 20.57 -18.77
N VAL C 8 -6.61 21.12 -19.88
CA VAL C 8 -7.46 21.54 -20.99
C VAL C 8 -7.38 20.49 -22.08
N GLU C 9 -8.50 19.81 -22.34
CA GLU C 9 -8.56 18.81 -23.40
C GLU C 9 -8.66 19.49 -24.77
N SER C 10 -8.61 18.67 -25.82
CA SER C 10 -8.77 19.14 -27.20
C SER C 10 -8.85 17.91 -28.10
N GLY C 11 -8.89 18.15 -29.41
CA GLY C 11 -8.76 17.07 -30.37
C GLY C 11 -9.95 16.14 -30.48
N GLY C 12 -11.12 16.56 -30.01
CA GLY C 12 -12.30 15.72 -30.13
C GLY C 12 -12.81 15.66 -31.55
N GLY C 13 -14.10 15.39 -31.71
CA GLY C 13 -14.71 15.40 -33.02
C GLY C 13 -15.06 14.03 -33.55
N LEU C 14 -15.12 13.91 -34.88
CA LEU C 14 -15.54 12.68 -35.54
C LEU C 14 -14.37 12.12 -36.34
N VAL C 15 -14.11 10.82 -36.15
CA VAL C 15 -13.13 10.09 -36.92
C VAL C 15 -13.78 8.81 -37.43
N GLN C 16 -13.69 8.58 -38.74
CA GLN C 16 -14.38 7.43 -39.33
C GLN C 16 -13.80 6.13 -38.79
N PRO C 17 -14.64 5.08 -38.66
CA PRO C 17 -14.14 3.80 -38.15
C PRO C 17 -12.84 3.37 -38.82
N GLY C 18 -11.78 3.23 -38.04
CA GLY C 18 -10.47 2.89 -38.56
C GLY C 18 -9.51 4.05 -38.67
N GLY C 19 -9.93 5.26 -38.36
CA GLY C 19 -9.07 6.42 -38.45
C GLY C 19 -8.17 6.58 -37.23
N SER C 20 -7.38 7.65 -37.26
CA SER C 20 -6.44 7.96 -36.19
C SER C 20 -6.66 9.39 -35.72
N LEU C 21 -6.45 9.60 -34.43
CA LEU C 21 -6.69 10.90 -33.80
C LEU C 21 -5.60 11.17 -32.78
N ARG C 22 -5.48 12.44 -32.38
CA ARG C 22 -4.46 12.88 -31.43
C ARG C 22 -5.09 13.90 -30.49
N LEU C 23 -5.62 13.41 -29.37
CA LEU C 23 -6.10 14.32 -28.33
C LEU C 23 -4.92 15.03 -27.68
N SER C 24 -5.16 16.24 -27.22
CA SER C 24 -4.14 17.02 -26.54
C SER C 24 -4.71 17.57 -25.24
N CYS C 25 -3.93 17.48 -24.16
CA CYS C 25 -4.37 17.86 -22.82
C CYS C 25 -3.34 18.82 -22.23
N ALA C 26 -3.57 20.12 -22.44
CA ALA C 26 -2.64 21.12 -21.93
C ALA C 26 -2.69 21.17 -20.41
N ALA C 27 -1.52 21.31 -19.80
CA ALA C 27 -1.38 21.44 -18.36
C ALA C 27 -1.00 22.87 -18.04
N SER C 28 -1.81 23.54 -17.24
CA SER C 28 -1.65 24.97 -16.94
C SER C 28 -1.19 25.11 -15.50
N GLY C 29 0.03 25.60 -15.31
CA GLY C 29 0.55 25.86 -13.99
C GLY C 29 1.24 24.69 -13.33
N PHE C 30 1.20 23.50 -13.93
CA PHE C 30 1.89 22.35 -13.36
C PHE C 30 2.49 21.55 -14.52
N ASN C 31 3.73 21.11 -14.35
CA ASN C 31 4.47 20.46 -15.41
C ASN C 31 4.13 18.98 -15.46
N VAL C 32 3.73 18.50 -16.64
CA VAL C 32 3.45 17.09 -16.83
C VAL C 32 4.70 16.24 -16.67
N SER C 33 5.88 16.86 -16.62
CA SER C 33 7.12 16.14 -16.44
C SER C 33 7.27 15.56 -15.04
N SER C 34 6.38 15.89 -14.10
CA SER C 34 6.52 15.45 -12.72
C SER C 34 5.20 14.92 -12.15
N TYR C 35 4.31 14.44 -13.00
CA TYR C 35 3.05 13.87 -12.54
C TYR C 35 2.62 12.78 -13.50
N SER C 36 1.75 11.91 -13.02
CA SER C 36 1.26 10.78 -13.82
C SER C 36 -0.03 11.20 -14.51
N ILE C 37 0.06 11.45 -15.81
CA ILE C 37 -1.14 11.73 -16.60
C ILE C 37 -1.78 10.40 -16.98
N HIS C 38 -3.08 10.28 -16.74
CA HIS C 38 -3.85 9.11 -17.13
C HIS C 38 -4.98 9.55 -18.06
N TRP C 39 -5.71 8.58 -18.58
CA TRP C 39 -6.83 8.85 -19.48
C TRP C 39 -7.97 7.91 -19.18
N VAL C 40 -9.10 8.47 -18.77
CA VAL C 40 -10.32 7.72 -18.48
C VAL C 40 -11.39 8.18 -19.46
N ARG C 41 -12.13 7.23 -20.01
CA ARG C 41 -13.13 7.52 -21.02
C ARG C 41 -14.51 7.10 -20.53
N GLN C 42 -15.52 7.88 -20.91
CA GLN C 42 -16.91 7.59 -20.60
C GLN C 42 -17.68 7.37 -21.90
N ALA C 43 -18.65 6.47 -21.84
CA ALA C 43 -19.28 5.96 -23.06
C ALA C 43 -19.77 7.03 -24.02
N PRO C 44 -20.48 8.08 -23.61
CA PRO C 44 -21.01 8.39 -22.26
C PRO C 44 -22.31 7.66 -21.99
N GLY C 45 -22.96 7.94 -20.85
CA GLY C 45 -24.11 7.18 -20.43
C GLY C 45 -23.78 5.90 -19.71
N LYS C 46 -22.49 5.58 -19.55
CA LYS C 46 -22.04 4.39 -18.83
C LYS C 46 -20.99 4.82 -17.81
N GLY C 47 -20.40 3.83 -17.14
CA GLY C 47 -19.40 4.11 -16.13
C GLY C 47 -18.05 4.47 -16.72
N LEU C 48 -17.13 4.86 -15.84
CA LEU C 48 -15.80 5.22 -16.27
C LEU C 48 -14.99 3.97 -16.63
N GLU C 49 -14.02 4.16 -17.52
CA GLU C 49 -13.12 3.09 -17.93
C GLU C 49 -11.72 3.68 -18.07
N TRP C 50 -10.79 3.17 -17.27
CA TRP C 50 -9.41 3.61 -17.38
C TRP C 50 -8.81 3.13 -18.70
N VAL C 51 -8.15 4.03 -19.41
CA VAL C 51 -7.70 3.77 -20.79
C VAL C 51 -6.18 3.60 -20.85
N ALA C 52 -5.43 4.64 -20.49
CA ALA C 52 -3.99 4.60 -20.62
C ALA C 52 -3.34 5.52 -19.59
N SER C 53 -2.21 5.09 -19.05
CA SER C 53 -1.44 5.88 -18.11
C SER C 53 0.01 5.92 -18.52
N ILE C 54 0.68 7.03 -18.25
CA ILE C 54 2.11 7.19 -18.48
C ILE C 54 2.75 7.62 -17.17
N SER C 55 3.79 6.91 -16.75
CA SER C 55 4.45 7.22 -15.50
C SER C 55 5.16 8.57 -15.59
N PRO C 56 5.29 9.27 -14.46
CA PRO C 56 5.74 10.66 -14.51
C PRO C 56 7.15 10.85 -15.08
N TYR C 57 8.14 10.19 -14.51
CA TYR C 57 9.54 10.45 -14.85
C TYR C 57 10.12 9.37 -15.76
N SER C 58 9.97 8.10 -15.39
CA SER C 58 10.53 7.02 -16.19
C SER C 58 9.90 6.99 -17.58
N GLY C 59 8.58 7.14 -17.63
CA GLY C 59 7.85 7.10 -18.89
C GLY C 59 7.15 5.81 -19.20
N TYR C 60 7.07 4.87 -18.26
CA TYR C 60 6.42 3.59 -18.52
C TYR C 60 4.96 3.82 -18.90
N THR C 61 4.62 3.57 -20.17
CA THR C 61 3.26 3.76 -20.65
C THR C 61 2.52 2.43 -20.58
N TYR C 62 1.45 2.39 -19.80
CA TYR C 62 0.59 1.23 -19.67
C TYR C 62 -0.77 1.54 -20.28
N TYR C 63 -1.41 0.51 -20.81
CA TYR C 63 -2.68 0.64 -21.52
C TYR C 63 -3.65 -0.42 -21.04
N ALA C 64 -4.94 -0.12 -21.18
CA ALA C 64 -5.95 -1.12 -20.91
C ALA C 64 -5.75 -2.31 -21.85
N ASP C 65 -6.41 -3.41 -21.52
CA ASP C 65 -6.26 -4.60 -22.34
C ASP C 65 -6.91 -4.44 -23.71
N SER C 66 -8.00 -3.68 -23.78
CA SER C 66 -8.70 -3.49 -25.06
C SER C 66 -7.91 -2.65 -26.04
N VAL C 67 -7.30 -1.56 -25.59
CA VAL C 67 -6.60 -0.64 -26.49
C VAL C 67 -5.09 -0.82 -26.41
N LYS C 68 -4.63 -1.98 -25.93
CA LYS C 68 -3.20 -2.25 -25.83
C LYS C 68 -2.63 -2.46 -27.23
N GLY C 69 -1.79 -1.52 -27.67
CA GLY C 69 -1.16 -1.59 -28.95
C GLY C 69 -1.77 -0.70 -30.02
N ARG C 70 -3.03 -0.30 -29.85
CA ARG C 70 -3.63 0.65 -30.76
C ARG C 70 -3.33 2.08 -30.34
N PHE C 71 -3.51 2.38 -29.05
CA PHE C 71 -3.30 3.72 -28.53
C PHE C 71 -1.84 3.89 -28.11
N THR C 72 -1.35 5.12 -28.20
CA THR C 72 0.03 5.44 -27.81
C THR C 72 -0.02 6.75 -27.02
N ILE C 73 0.03 6.65 -25.70
CA ILE C 73 0.03 7.82 -24.84
C ILE C 73 1.44 8.34 -24.69
N SER C 74 1.58 9.66 -24.70
CA SER C 74 2.87 10.31 -24.49
C SER C 74 2.61 11.59 -23.70
N ALA C 75 3.64 12.42 -23.60
CA ALA C 75 3.52 13.72 -22.95
C ALA C 75 4.77 14.52 -23.24
N ASP C 76 4.59 15.79 -23.58
CA ASP C 76 5.70 16.69 -23.90
C ASP C 76 5.90 17.68 -22.76
N THR C 77 7.14 17.78 -22.29
CA THR C 77 7.44 18.72 -21.21
C THR C 77 7.47 20.16 -21.71
N SER C 78 7.99 20.37 -22.92
CA SER C 78 8.12 21.73 -23.45
C SER C 78 6.76 22.40 -23.56
N LYS C 79 5.77 21.71 -24.10
CA LYS C 79 4.42 22.24 -24.22
C LYS C 79 3.53 21.89 -23.02
N ASN C 80 4.03 21.09 -22.08
CA ASN C 80 3.25 20.68 -20.90
C ASN C 80 1.95 20.01 -21.30
N THR C 81 1.96 19.27 -22.41
CA THR C 81 0.78 18.63 -22.95
C THR C 81 0.90 17.11 -22.85
N ALA C 82 -0.25 16.45 -22.97
CA ALA C 82 -0.32 15.00 -23.04
C ALA C 82 -1.20 14.61 -24.22
N TYR C 83 -0.86 13.49 -24.86
CA TYR C 83 -1.57 13.03 -26.04
C TYR C 83 -1.91 11.57 -25.92
N LEU C 84 -3.06 11.19 -26.46
CA LEU C 84 -3.48 9.79 -26.58
C LEU C 84 -3.74 9.52 -28.05
N GLN C 85 -2.69 9.17 -28.78
CA GLN C 85 -2.82 8.89 -30.21
C GLN C 85 -3.59 7.59 -30.41
N MET C 86 -4.85 7.71 -30.82
CA MET C 86 -5.72 6.57 -31.02
C MET C 86 -5.68 6.16 -32.49
N ASN C 87 -5.73 4.85 -32.73
CA ASN C 87 -5.64 4.31 -34.08
C ASN C 87 -6.62 3.15 -34.23
N SER C 88 -7.01 2.91 -35.47
CA SER C 88 -7.98 1.85 -35.80
C SER C 88 -9.21 1.95 -34.90
N LEU C 89 -9.80 3.14 -34.86
CA LEU C 89 -10.95 3.37 -34.00
C LEU C 89 -12.11 2.45 -34.39
N ARG C 90 -12.78 1.92 -33.40
CA ARG C 90 -13.87 0.96 -33.58
C ARG C 90 -15.20 1.61 -33.19
N ALA C 91 -16.27 0.83 -33.23
CA ALA C 91 -17.59 1.34 -32.86
C ALA C 91 -17.71 1.56 -31.36
N GLU C 92 -17.01 0.75 -30.56
CA GLU C 92 -17.09 0.83 -29.11
C GLU C 92 -16.15 1.87 -28.51
N ASP C 93 -15.37 2.57 -29.33
CA ASP C 93 -14.49 3.61 -28.85
C ASP C 93 -15.17 4.97 -28.77
N THR C 94 -16.41 5.09 -29.22
CA THR C 94 -17.17 6.32 -29.04
C THR C 94 -17.25 6.64 -27.56
N ALA C 95 -16.69 7.78 -27.16
CA ALA C 95 -16.61 8.11 -25.74
C ALA C 95 -16.10 9.53 -25.59
N VAL C 96 -16.18 10.03 -24.36
CA VAL C 96 -15.56 11.28 -23.96
C VAL C 96 -14.38 10.95 -23.06
N TYR C 97 -13.22 11.53 -23.36
CA TYR C 97 -11.96 11.15 -22.73
C TYR C 97 -11.52 12.25 -21.79
N TYR C 98 -11.28 11.90 -20.52
CA TYR C 98 -10.79 12.82 -19.51
C TYR C 98 -9.33 12.52 -19.23
N CYS C 99 -8.49 13.55 -19.31
CA CYS C 99 -7.08 13.45 -18.93
C CYS C 99 -6.94 13.91 -17.49
N ALA C 100 -6.59 12.99 -16.61
CA ALA C 100 -6.57 13.25 -15.17
C ALA C 100 -5.15 13.17 -14.62
N ARG C 101 -4.88 14.02 -13.65
CA ARG C 101 -3.65 13.97 -12.88
C ARG C 101 -3.76 12.90 -11.80
N LEU C 102 -2.62 12.56 -11.20
CA LEU C 102 -2.56 11.56 -10.14
C LEU C 102 -1.78 12.08 -8.95
N ILE C 103 -2.17 11.65 -7.76
CA ILE C 103 -1.49 11.99 -6.52
C ILE C 103 -1.18 10.69 -5.78
N PHE C 104 0.05 10.59 -5.27
CA PHE C 104 0.50 9.40 -4.57
C PHE C 104 0.48 9.64 -3.06
N TYR C 105 -0.23 8.78 -2.34
CA TYR C 105 -0.16 8.73 -0.90
C TYR C 105 0.69 7.52 -0.50
N MET C 106 0.84 7.27 0.81
CA MET C 106 1.75 6.23 1.23
C MET C 106 1.31 4.87 0.71
N TRP C 107 0.05 4.53 0.88
CA TRP C 107 -0.44 3.20 0.52
C TRP C 107 -1.68 3.27 -0.35
N SER C 108 -1.77 4.32 -1.18
CA SER C 108 -2.90 4.49 -2.08
C SER C 108 -2.64 5.72 -2.95
N SER C 109 -3.37 5.79 -4.06
CA SER C 109 -3.27 6.90 -4.99
C SER C 109 -4.64 7.21 -5.55
N ALA C 110 -4.81 8.43 -6.05
CA ALA C 110 -6.08 8.83 -6.64
C ALA C 110 -5.85 10.02 -7.57
N MET C 111 -6.80 10.22 -8.46
CA MET C 111 -6.74 11.33 -9.42
C MET C 111 -7.52 12.51 -8.88
N ASP C 112 -6.83 13.62 -8.64
CA ASP C 112 -7.45 14.80 -8.04
C ASP C 112 -7.82 15.86 -9.08
N TYR C 113 -6.86 16.31 -9.88
CA TYR C 113 -7.12 17.30 -10.92
C TYR C 113 -7.49 16.60 -12.22
N TRP C 114 -8.55 17.07 -12.86
CA TRP C 114 -9.02 16.53 -14.13
C TRP C 114 -9.13 17.63 -15.17
N GLY C 115 -9.58 17.24 -16.37
CA GLY C 115 -9.97 18.17 -17.39
C GLY C 115 -11.41 17.92 -17.80
N GLN C 116 -11.98 18.87 -18.53
CA GLN C 116 -13.42 18.79 -18.84
C GLN C 116 -13.74 17.53 -19.62
N GLY C 117 -12.91 17.18 -20.59
CA GLY C 117 -13.08 15.93 -21.31
C GLY C 117 -13.58 16.10 -22.73
N THR C 118 -12.68 15.93 -23.70
CA THR C 118 -13.05 16.00 -25.10
C THR C 118 -13.85 14.77 -25.52
N LEU C 119 -14.84 14.99 -26.38
CA LEU C 119 -15.64 13.90 -26.93
C LEU C 119 -15.02 13.41 -28.23
N VAL C 120 -15.15 12.11 -28.48
CA VAL C 120 -14.65 11.48 -29.70
C VAL C 120 -15.77 10.61 -30.25
N THR C 121 -16.33 11.02 -31.38
CA THR C 121 -17.36 10.26 -32.06
C THR C 121 -16.74 9.45 -33.19
N VAL C 122 -17.20 8.21 -33.35
CA VAL C 122 -16.73 7.31 -34.39
C VAL C 122 -17.96 6.74 -35.09
N SER C 123 -18.22 7.19 -36.30
CA SER C 123 -19.39 6.75 -37.04
C SER C 123 -19.11 6.86 -38.54
N SER C 124 -19.96 6.20 -39.33
CA SER C 124 -19.78 6.12 -40.77
C SER C 124 -20.58 7.19 -41.52
N ALA C 125 -21.01 8.25 -40.84
CA ALA C 125 -21.74 9.34 -41.46
C ALA C 125 -20.89 10.60 -41.50
N SER C 126 -21.25 11.51 -42.38
CA SER C 126 -20.54 12.76 -42.55
C SER C 126 -21.12 13.84 -41.63
N THR C 127 -20.42 14.97 -41.58
CA THR C 127 -20.84 16.06 -40.71
C THR C 127 -22.02 16.81 -41.31
N LYS C 128 -23.02 17.08 -40.49
CA LYS C 128 -24.20 17.84 -40.89
C LYS C 128 -24.43 18.97 -39.90
N GLY C 129 -24.75 20.14 -40.43
CA GLY C 129 -24.99 21.31 -39.60
C GLY C 129 -26.35 21.28 -38.96
N PRO C 130 -26.56 22.18 -38.00
CA PRO C 130 -27.85 22.23 -37.29
C PRO C 130 -28.90 23.05 -38.02
N SER C 131 -30.12 22.51 -38.04
CA SER C 131 -31.29 23.22 -38.55
C SER C 131 -32.02 23.81 -37.34
N VAL C 132 -31.87 25.11 -37.14
CA VAL C 132 -32.46 25.80 -35.99
C VAL C 132 -33.79 26.40 -36.41
N PHE C 133 -34.77 26.30 -35.53
CA PHE C 133 -36.05 26.97 -35.68
C PHE C 133 -36.46 27.60 -34.36
N PRO C 134 -37.19 28.72 -34.39
CA PRO C 134 -37.64 29.34 -33.14
C PRO C 134 -39.01 28.84 -32.72
N LEU C 135 -39.17 28.53 -31.43
CA LEU C 135 -40.47 28.11 -30.89
C LEU C 135 -41.18 29.35 -30.38
N ALA C 136 -42.01 29.94 -31.24
CA ALA C 136 -42.78 31.10 -30.83
C ALA C 136 -43.76 30.72 -29.73
N PRO C 137 -43.93 31.55 -28.68
CA PRO C 137 -44.92 31.24 -27.65
C PRO C 137 -46.31 31.74 -28.01
N THR C 146 -47.40 33.54 -17.10
CA THR C 146 -46.09 33.04 -17.51
C THR C 146 -46.17 32.38 -18.88
N ALA C 147 -45.07 32.43 -19.63
CA ALA C 147 -44.99 31.85 -20.95
C ALA C 147 -43.64 31.19 -21.14
N ALA C 148 -43.58 30.24 -22.08
CA ALA C 148 -42.37 29.51 -22.40
C ALA C 148 -42.00 29.74 -23.85
N LEU C 149 -40.77 30.17 -24.10
CA LEU C 149 -40.26 30.38 -25.44
C LEU C 149 -39.02 29.50 -25.64
N GLY C 150 -38.72 29.21 -26.89
CA GLY C 150 -37.61 28.32 -27.16
C GLY C 150 -37.29 28.24 -28.63
N CYS C 151 -36.35 27.35 -28.94
CA CYS C 151 -36.04 26.95 -30.30
C CYS C 151 -36.14 25.43 -30.38
N LEU C 152 -36.02 24.91 -31.60
CA LEU C 152 -36.07 23.47 -31.84
C LEU C 152 -34.96 23.10 -32.82
N VAL C 153 -33.79 22.73 -32.27
CA VAL C 153 -32.72 22.20 -33.09
C VAL C 153 -33.14 20.83 -33.63
N LYS C 154 -32.72 20.52 -34.85
CA LYS C 154 -33.16 19.30 -35.49
C LYS C 154 -32.09 18.81 -36.46
N ASP C 155 -32.19 17.52 -36.79
CA ASP C 155 -31.44 16.87 -37.86
C ASP C 155 -30.01 17.41 -37.99
N TYR C 156 -29.27 17.29 -36.90
CA TYR C 156 -27.85 17.65 -36.87
C TYR C 156 -27.02 16.43 -36.53
N PHE C 157 -25.71 16.56 -36.74
CA PHE C 157 -24.78 15.46 -36.49
C PHE C 157 -23.35 16.00 -36.48
N PRO C 158 -22.51 15.59 -35.52
CA PRO C 158 -22.73 14.66 -34.40
C PRO C 158 -23.42 15.30 -33.20
N GLU C 159 -23.49 14.56 -32.09
CA GLU C 159 -24.26 15.02 -30.93
C GLU C 159 -23.76 16.33 -30.32
N PRO C 160 -22.45 16.57 -30.13
CA PRO C 160 -22.03 17.66 -29.25
C PRO C 160 -22.39 19.05 -29.75
N VAL C 161 -23.65 19.43 -29.62
CA VAL C 161 -24.11 20.78 -29.88
C VAL C 161 -24.38 21.46 -28.55
N THR C 162 -24.25 22.78 -28.52
CA THR C 162 -24.52 23.58 -27.34
C THR C 162 -25.57 24.63 -27.67
N VAL C 163 -26.48 24.87 -26.74
CA VAL C 163 -27.52 25.88 -26.89
C VAL C 163 -27.50 26.77 -25.65
N SER C 164 -27.32 28.07 -25.86
CA SER C 164 -27.44 29.06 -24.80
C SER C 164 -28.18 30.26 -25.37
N TRP C 165 -28.77 31.05 -24.47
CA TRP C 165 -29.64 32.15 -24.85
C TRP C 165 -28.95 33.49 -24.62
N ASN C 166 -28.99 34.36 -25.62
CA ASN C 166 -28.55 35.73 -25.50
C ASN C 166 -27.15 35.82 -24.91
N SER C 167 -26.26 34.99 -25.43
CA SER C 167 -24.88 34.91 -24.94
C SER C 167 -24.83 34.53 -23.47
N GLY C 168 -25.85 33.86 -22.97
CA GLY C 168 -25.92 33.48 -21.58
C GLY C 168 -26.42 34.56 -20.64
N ALA C 169 -26.80 35.72 -21.15
CA ALA C 169 -27.35 36.77 -20.29
C ALA C 169 -28.59 36.29 -19.55
N LEU C 170 -29.33 35.34 -20.12
CA LEU C 170 -30.45 34.68 -19.45
C LEU C 170 -30.02 33.27 -19.09
N THR C 171 -30.26 32.86 -17.84
CA THR C 171 -29.80 31.58 -17.36
C THR C 171 -30.92 30.78 -16.71
N SER C 172 -31.88 31.45 -16.09
CA SER C 172 -32.94 30.77 -15.37
C SER C 172 -33.99 30.22 -16.34
N GLY C 173 -34.65 29.15 -15.91
CA GLY C 173 -35.68 28.52 -16.72
C GLY C 173 -35.17 27.73 -17.89
N VAL C 174 -33.86 27.63 -18.08
CA VAL C 174 -33.31 26.93 -19.24
C VAL C 174 -33.54 25.43 -19.09
N HIS C 175 -33.95 24.79 -20.18
CA HIS C 175 -34.08 23.33 -20.23
C HIS C 175 -33.65 22.88 -21.63
N THR C 176 -32.36 22.57 -21.77
CA THR C 176 -31.81 22.07 -23.02
C THR C 176 -31.79 20.55 -22.92
N PHE C 177 -32.92 19.94 -23.26
CA PHE C 177 -33.11 18.50 -23.10
C PHE C 177 -31.99 17.73 -23.81
N PRO C 178 -31.76 16.47 -23.45
CA PRO C 178 -30.72 15.71 -24.13
C PRO C 178 -31.08 15.44 -25.59
N ALA C 179 -30.05 15.21 -26.39
CA ALA C 179 -30.22 15.00 -27.83
C ALA C 179 -30.71 13.58 -28.07
N VAL C 180 -32.00 13.44 -28.38
CA VAL C 180 -32.56 12.16 -28.76
C VAL C 180 -32.17 11.89 -30.22
N LEU C 181 -31.51 10.77 -30.46
CA LEU C 181 -31.12 10.40 -31.82
C LEU C 181 -32.35 9.95 -32.60
N GLN C 182 -32.68 10.68 -33.66
CA GLN C 182 -33.85 10.36 -34.44
C GLN C 182 -33.67 9.03 -35.18
N SER C 183 -34.80 8.45 -35.61
CA SER C 183 -34.76 7.18 -36.31
C SER C 183 -33.86 7.26 -37.55
N SER C 184 -33.84 8.41 -38.20
CA SER C 184 -33.05 8.61 -39.41
C SER C 184 -31.56 8.79 -39.13
N GLY C 185 -31.11 8.53 -37.90
CA GLY C 185 -29.71 8.67 -37.57
C GLY C 185 -29.23 10.09 -37.48
N LEU C 186 -30.06 10.99 -36.95
CA LEU C 186 -29.65 12.37 -36.70
C LEU C 186 -30.18 12.80 -35.34
N TYR C 187 -29.48 13.74 -34.71
CA TYR C 187 -29.79 14.19 -33.37
C TYR C 187 -30.72 15.39 -33.40
N SER C 188 -31.50 15.53 -32.33
CA SER C 188 -32.38 16.69 -32.17
C SER C 188 -32.66 16.91 -30.69
N LEU C 189 -32.86 18.17 -30.33
CA LEU C 189 -33.16 18.53 -28.95
C LEU C 189 -33.96 19.83 -28.96
N SER C 190 -34.64 20.09 -27.84
CA SER C 190 -35.48 21.27 -27.69
C SER C 190 -34.90 22.18 -26.63
N SER C 191 -34.68 23.43 -26.99
CA SER C 191 -34.21 24.46 -26.07
C SER C 191 -35.38 25.41 -25.79
N VAL C 192 -35.85 25.41 -24.55
CA VAL C 192 -36.95 26.26 -24.12
C VAL C 192 -36.54 26.96 -22.83
N VAL C 193 -37.22 28.08 -22.56
CA VAL C 193 -36.97 28.86 -21.36
C VAL C 193 -38.26 29.56 -20.96
N THR C 194 -38.49 29.66 -19.66
CA THR C 194 -39.69 30.29 -19.12
C THR C 194 -39.39 31.71 -18.69
N VAL C 195 -40.19 32.66 -19.17
CA VAL C 195 -40.06 34.07 -18.77
C VAL C 195 -41.43 34.65 -18.54
N PRO C 196 -41.51 35.70 -17.74
CA PRO C 196 -42.83 36.29 -17.41
C PRO C 196 -43.55 36.78 -18.66
N SER C 197 -44.87 36.56 -18.69
CA SER C 197 -45.66 37.03 -19.81
C SER C 197 -45.64 38.54 -19.91
N SER C 198 -45.63 39.24 -18.78
CA SER C 198 -45.59 40.69 -18.79
C SER C 198 -44.30 41.22 -19.42
N SER C 199 -43.26 40.40 -19.50
CA SER C 199 -41.99 40.81 -20.08
C SER C 199 -41.86 40.46 -21.55
N LEU C 200 -42.88 39.87 -22.16
CA LEU C 200 -42.80 39.53 -23.58
C LEU C 200 -42.94 40.80 -24.42
N GLY C 201 -42.07 40.93 -25.40
CA GLY C 201 -42.03 42.12 -26.25
C GLY C 201 -41.12 43.21 -25.75
N THR C 202 -40.76 43.20 -24.46
CA THR C 202 -39.80 44.14 -23.91
C THR C 202 -38.38 43.60 -23.92
N GLN C 203 -38.21 42.29 -24.07
CA GLN C 203 -36.90 41.66 -24.08
C GLN C 203 -36.81 40.70 -25.26
N THR C 204 -35.61 40.61 -25.84
CA THR C 204 -35.35 39.81 -27.03
C THR C 204 -34.53 38.59 -26.64
N TYR C 205 -34.96 37.41 -27.12
CA TYR C 205 -34.29 36.15 -26.83
C TYR C 205 -33.93 35.46 -28.14
N ILE C 206 -32.70 34.99 -28.23
CA ILE C 206 -32.19 34.32 -29.43
C ILE C 206 -31.40 33.10 -29.00
N CYS C 207 -31.67 31.95 -29.61
CA CYS C 207 -30.94 30.74 -29.31
C CYS C 207 -29.64 30.72 -30.11
N ASN C 208 -28.52 30.65 -29.40
CA ASN C 208 -27.20 30.72 -30.02
C ASN C 208 -26.65 29.32 -30.25
N VAL C 209 -27.26 28.63 -31.23
CA VAL C 209 -26.78 27.31 -31.61
C VAL C 209 -25.32 27.42 -32.03
N ASN C 210 -24.49 26.51 -31.53
CA ASN C 210 -23.06 26.48 -31.83
C ASN C 210 -22.65 25.04 -32.05
N HIS C 211 -22.21 24.72 -33.26
CA HIS C 211 -21.89 23.36 -33.67
C HIS C 211 -20.42 23.32 -34.09
N LYS C 212 -19.55 23.07 -33.12
CA LYS C 212 -18.11 23.02 -33.42
C LYS C 212 -17.75 21.98 -34.47
N PRO C 213 -18.28 20.76 -34.45
CA PRO C 213 -17.86 19.79 -35.48
C PRO C 213 -18.26 20.18 -36.89
N SER C 214 -19.23 21.08 -37.06
CA SER C 214 -19.61 21.57 -38.38
C SER C 214 -19.32 23.05 -38.58
N ASN C 215 -18.75 23.72 -37.57
CA ASN C 215 -18.41 25.14 -37.68
C ASN C 215 -19.63 25.96 -38.08
N THR C 216 -20.77 25.69 -37.44
CA THR C 216 -22.00 26.41 -37.68
C THR C 216 -22.42 27.16 -36.42
N LYS C 217 -22.92 28.39 -36.62
CA LYS C 217 -23.36 29.22 -35.50
C LYS C 217 -24.54 30.05 -36.00
N VAL C 218 -25.75 29.54 -35.76
CA VAL C 218 -26.99 30.16 -36.24
C VAL C 218 -27.76 30.69 -35.04
N ASP C 219 -28.16 31.95 -35.11
CA ASP C 219 -28.93 32.61 -34.06
C ASP C 219 -30.33 32.90 -34.61
N LYS C 220 -31.31 32.12 -34.16
CA LYS C 220 -32.69 32.26 -34.61
C LYS C 220 -33.47 32.94 -33.50
N LYS C 221 -33.94 34.16 -33.77
CA LYS C 221 -34.63 34.95 -32.75
C LYS C 221 -36.04 34.41 -32.56
N VAL C 222 -36.53 34.45 -31.33
CA VAL C 222 -37.81 33.84 -30.96
C VAL C 222 -38.76 34.94 -30.51
N GLU C 223 -39.88 35.06 -31.21
CA GLU C 223 -40.91 36.06 -30.93
C GLU C 223 -42.28 35.40 -31.05
N PRO C 224 -43.31 36.00 -30.44
CA PRO C 224 -44.67 35.45 -30.54
C PRO C 224 -45.33 35.79 -31.87
N GLU D 4 -6.14 -22.07 8.02
CA GLU D 4 -6.37 -21.74 9.42
C GLU D 4 -5.33 -22.42 10.29
N VAL D 5 -4.60 -21.64 11.09
CA VAL D 5 -3.53 -22.18 11.90
C VAL D 5 -4.11 -23.09 12.98
N GLN D 6 -3.56 -24.29 13.09
CA GLN D 6 -3.99 -25.23 14.12
C GLN D 6 -2.99 -26.37 14.24
N LEU D 7 -2.55 -26.68 15.46
CA LEU D 7 -1.55 -27.71 15.71
C LEU D 7 -2.20 -28.91 16.40
N VAL D 8 -1.75 -30.11 16.02
CA VAL D 8 -2.29 -31.35 16.54
C VAL D 8 -1.15 -32.15 17.18
N GLU D 9 -1.37 -32.60 18.41
CA GLU D 9 -0.39 -33.41 19.13
C GLU D 9 -0.82 -34.87 19.14
N SER D 10 0.17 -35.75 19.22
CA SER D 10 -0.07 -37.18 19.27
C SER D 10 1.15 -37.85 19.90
N GLY D 11 1.07 -39.16 20.09
CA GLY D 11 2.10 -39.91 20.77
C GLY D 11 1.88 -40.10 22.25
N GLY D 12 0.68 -39.83 22.76
CA GLY D 12 0.39 -40.00 24.16
C GLY D 12 -0.19 -41.35 24.49
N GLY D 13 -0.28 -41.63 25.77
CA GLY D 13 -0.79 -42.89 26.26
C GLY D 13 -0.19 -43.22 27.62
N LEU D 14 0.15 -44.49 27.80
CA LEU D 14 0.75 -44.97 29.04
C LEU D 14 2.19 -45.41 28.79
N VAL D 15 2.96 -45.47 29.87
CA VAL D 15 4.34 -45.91 29.82
C VAL D 15 4.81 -46.23 31.22
N GLN D 16 5.63 -47.28 31.35
CA GLN D 16 6.15 -47.64 32.66
C GLN D 16 7.35 -46.76 33.00
N PRO D 17 7.58 -46.49 34.29
CA PRO D 17 8.75 -45.69 34.65
C PRO D 17 10.04 -46.29 34.12
N GLY D 18 10.91 -45.43 33.60
CA GLY D 18 12.14 -45.86 32.97
C GLY D 18 12.01 -46.22 31.50
N GLY D 19 10.80 -46.19 30.95
CA GLY D 19 10.60 -46.51 29.55
C GLY D 19 11.02 -45.37 28.64
N SER D 20 10.28 -45.18 27.56
CA SER D 20 10.58 -44.10 26.61
C SER D 20 9.43 -43.97 25.63
N LEU D 21 9.13 -42.73 25.26
CA LEU D 21 8.06 -42.43 24.33
C LEU D 21 8.50 -41.31 23.41
N ARG D 22 7.89 -41.27 22.22
CA ARG D 22 8.22 -40.28 21.19
C ARG D 22 6.95 -39.49 20.88
N LEU D 23 6.85 -38.28 21.44
CA LEU D 23 5.71 -37.42 21.19
C LEU D 23 5.83 -36.74 19.83
N SER D 24 4.67 -36.46 19.23
CA SER D 24 4.60 -35.80 17.93
C SER D 24 3.60 -34.64 18.00
N CYS D 25 3.96 -33.53 17.36
CA CYS D 25 3.12 -32.34 17.28
C CYS D 25 3.14 -31.86 15.84
N ALA D 26 2.19 -32.36 15.04
CA ALA D 26 2.16 -32.06 13.62
C ALA D 26 1.46 -30.72 13.41
N ALA D 27 2.21 -29.74 12.90
CA ALA D 27 1.68 -28.41 12.67
C ALA D 27 0.80 -28.39 11.43
N SER D 28 0.08 -27.30 11.25
CA SER D 28 -0.81 -27.13 10.11
C SER D 28 -1.18 -25.67 9.97
N GLY D 29 -1.26 -25.19 8.73
CA GLY D 29 -1.61 -23.82 8.44
C GLY D 29 -0.44 -22.86 8.39
N PHE D 30 0.77 -23.30 8.74
CA PHE D 30 1.93 -22.44 8.68
C PHE D 30 3.18 -23.30 8.56
N ASN D 31 4.21 -22.76 7.94
CA ASN D 31 5.49 -23.44 7.82
C ASN D 31 6.21 -23.34 9.16
N VAL D 32 6.43 -24.48 9.82
CA VAL D 32 7.11 -24.46 11.11
C VAL D 32 8.50 -23.88 11.01
N SER D 33 9.11 -23.91 9.83
CA SER D 33 10.46 -23.39 9.67
C SER D 33 10.53 -21.90 9.98
N TYR D 34 9.41 -21.19 9.96
CA TYR D 34 9.38 -19.78 10.31
C TYR D 34 9.36 -19.54 11.82
N TYR D 35 9.17 -20.58 12.63
CA TYR D 35 8.98 -20.44 14.06
C TYR D 35 9.83 -21.47 14.80
N SER D 36 10.10 -21.19 16.07
CA SER D 36 10.80 -22.11 16.96
C SER D 36 9.77 -22.80 17.84
N ILE D 37 9.69 -24.12 17.75
CA ILE D 37 8.66 -24.88 18.44
C ILE D 37 9.16 -25.26 19.83
N HIS D 38 8.50 -24.73 20.85
CA HIS D 38 8.87 -24.98 22.24
C HIS D 38 7.91 -25.99 22.86
N TRP D 39 8.43 -26.83 23.73
CA TRP D 39 7.65 -27.88 24.39
C TRP D 39 7.53 -27.57 25.87
N VAL D 40 6.29 -27.57 26.37
CA VAL D 40 5.99 -27.22 27.75
C VAL D 40 5.07 -28.29 28.32
N ARG D 41 5.25 -28.61 29.60
CA ARG D 41 4.46 -29.64 30.26
C ARG D 41 3.84 -29.08 31.53
N GLN D 42 2.68 -29.64 31.88
CA GLN D 42 1.94 -29.23 33.07
C GLN D 42 1.62 -30.49 33.89
N ALA D 43 2.20 -30.59 35.08
CA ALA D 43 1.84 -31.67 35.98
C ALA D 43 0.39 -31.50 36.43
N PRO D 44 -0.27 -32.57 36.88
CA PRO D 44 -1.71 -32.46 37.18
C PRO D 44 -1.98 -31.41 38.25
N GLY D 45 -2.70 -30.37 37.86
CA GLY D 45 -3.06 -29.29 38.77
C GLY D 45 -1.86 -28.56 39.35
N LYS D 46 -0.89 -28.22 38.50
CA LYS D 46 0.32 -27.56 38.94
C LYS D 46 0.71 -26.51 37.90
N GLY D 47 1.88 -25.90 38.12
CA GLY D 47 2.36 -24.88 37.21
C GLY D 47 2.78 -25.46 35.87
N LEU D 48 3.11 -24.56 34.96
CA LEU D 48 3.49 -24.92 33.60
C LEU D 48 5.01 -24.84 33.48
N GLU D 49 5.64 -25.93 33.04
CA GLU D 49 7.09 -26.04 32.99
C GLU D 49 7.54 -26.16 31.54
N TRP D 50 8.55 -25.37 31.18
CA TRP D 50 9.09 -25.39 29.83
C TRP D 50 10.08 -26.54 29.69
N VAL D 51 9.97 -27.29 28.59
CA VAL D 51 10.75 -28.51 28.40
C VAL D 51 11.93 -28.26 27.48
N ALA D 52 11.65 -27.94 26.21
CA ALA D 52 12.70 -27.80 25.22
C ALA D 52 12.15 -27.01 24.03
N SER D 53 13.06 -26.63 23.14
CA SER D 53 12.69 -25.80 21.99
C SER D 53 13.58 -26.17 20.81
N ILE D 54 12.97 -26.20 19.62
CA ILE D 54 13.66 -26.57 18.39
C ILE D 54 13.50 -25.43 17.40
N SER D 55 14.61 -24.96 16.86
CA SER D 55 14.58 -24.07 15.70
C SER D 55 14.65 -24.94 14.45
N PRO D 56 13.53 -25.23 13.80
CA PRO D 56 13.54 -26.32 12.81
C PRO D 56 14.54 -26.13 11.68
N TYR D 57 14.70 -24.91 11.16
CA TYR D 57 15.55 -24.75 9.99
C TYR D 57 17.01 -25.05 10.32
N SER D 58 17.53 -24.42 11.36
CA SER D 58 18.92 -24.63 11.76
C SER D 58 19.10 -25.81 12.70
N GLY D 59 18.02 -26.36 13.23
CA GLY D 59 18.10 -27.51 14.10
C GLY D 59 18.77 -27.23 15.42
N SER D 60 19.01 -25.95 15.73
CA SER D 60 19.57 -25.61 17.04
C SER D 60 18.49 -25.82 18.11
N THR D 61 18.87 -26.48 19.19
CA THR D 61 17.92 -26.86 20.23
C THR D 61 18.48 -26.52 21.60
N SER D 62 17.57 -26.22 22.53
CA SER D 62 17.91 -25.99 23.93
C SER D 62 16.98 -26.82 24.80
N TYR D 63 17.51 -27.35 25.90
CA TYR D 63 16.77 -28.23 26.79
C TYR D 63 16.80 -27.68 28.21
N ALA D 64 15.67 -27.81 28.90
CA ALA D 64 15.62 -27.46 30.32
C ALA D 64 16.39 -28.48 31.14
N ASP D 65 17.06 -28.01 32.19
CA ASP D 65 17.89 -28.89 33.00
C ASP D 65 17.07 -30.00 33.64
N SER D 66 15.77 -29.77 33.87
CA SER D 66 14.94 -30.82 34.45
C SER D 66 14.87 -32.06 33.58
N VAL D 67 15.10 -31.92 32.26
CA VAL D 67 15.09 -33.03 31.34
C VAL D 67 16.35 -33.12 30.50
N LYS D 68 17.29 -32.20 30.67
CA LYS D 68 18.53 -32.25 29.90
C LYS D 68 19.24 -33.58 30.13
N GLY D 69 19.72 -34.18 29.06
CA GLY D 69 20.37 -35.47 29.12
C GLY D 69 19.43 -36.66 29.01
N ARG D 70 18.13 -36.42 28.92
CA ARG D 70 17.16 -37.51 28.79
C ARG D 70 16.27 -37.31 27.57
N PHE D 71 16.00 -36.05 27.23
CA PHE D 71 15.08 -35.71 26.16
C PHE D 71 15.86 -35.21 24.95
N THR D 72 15.51 -35.71 23.77
CA THR D 72 16.06 -35.23 22.51
C THR D 72 14.90 -34.75 21.65
N ILE D 73 14.93 -33.49 21.26
CA ILE D 73 13.88 -32.89 20.46
C ILE D 73 14.31 -32.90 18.99
N SER D 74 13.32 -32.93 18.11
CA SER D 74 13.59 -32.98 16.68
C SER D 74 12.41 -32.40 15.92
N ALA D 75 12.67 -32.02 14.67
CA ALA D 75 11.66 -31.44 13.80
C ALA D 75 11.92 -31.90 12.38
N ASP D 76 10.91 -31.72 11.52
CA ASP D 76 11.00 -32.10 10.12
C ASP D 76 10.24 -31.07 9.29
N THR D 77 10.97 -30.22 8.58
CA THR D 77 10.32 -29.20 7.76
C THR D 77 9.53 -29.84 6.64
N SER D 78 10.08 -30.85 5.98
CA SER D 78 9.39 -31.47 4.86
C SER D 78 8.07 -32.08 5.30
N LYS D 79 8.06 -32.79 6.42
CA LYS D 79 6.83 -33.31 6.97
C LYS D 79 6.02 -32.24 7.70
N ASN D 80 6.67 -31.14 8.10
CA ASN D 80 5.99 -30.03 8.77
C ASN D 80 5.42 -30.50 10.12
N THR D 81 6.28 -31.07 10.93
CA THR D 81 5.89 -31.63 12.22
C THR D 81 7.04 -31.48 13.20
N ALA D 82 6.72 -31.62 14.49
CA ALA D 82 7.69 -31.50 15.57
C ALA D 82 7.67 -32.77 16.41
N TYR D 83 8.86 -33.24 16.79
CA TYR D 83 9.01 -34.50 17.50
C TYR D 83 9.78 -34.29 18.79
N LEU D 84 9.44 -35.09 19.80
CA LEU D 84 10.10 -35.06 21.09
C LEU D 84 10.42 -36.48 21.51
N GLN D 85 11.69 -36.76 21.77
CA GLN D 85 12.15 -38.07 22.21
C GLN D 85 12.42 -38.02 23.71
N MET D 86 11.75 -38.90 24.45
CA MET D 86 11.92 -38.99 25.89
C MET D 86 12.44 -40.38 26.25
N ASN D 87 13.48 -40.43 27.07
CA ASN D 87 14.08 -41.68 27.50
C ASN D 87 14.46 -41.57 28.97
N SER D 88 14.67 -42.74 29.60
CA SER D 88 14.99 -42.80 31.03
C SER D 88 13.93 -42.07 31.85
N LEU D 89 12.66 -42.36 31.53
CA LEU D 89 11.55 -41.59 32.10
C LEU D 89 11.54 -41.67 33.61
N ARG D 90 11.16 -40.57 34.24
CA ARG D 90 10.97 -40.50 35.68
C ARG D 90 9.48 -40.33 35.99
N ALA D 91 9.10 -40.74 37.20
CA ALA D 91 7.69 -40.70 37.58
C ALA D 91 7.13 -39.30 37.48
N GLU D 92 7.95 -38.28 37.75
CA GLU D 92 7.47 -36.90 37.78
C GLU D 92 7.07 -36.36 36.41
N ASP D 93 7.42 -37.05 35.33
CA ASP D 93 7.20 -36.55 33.98
C ASP D 93 5.77 -36.73 33.49
N THR D 94 4.82 -36.97 34.39
CA THR D 94 3.42 -37.04 34.01
C THR D 94 2.89 -35.64 33.76
N ALA D 95 2.23 -35.44 32.62
CA ALA D 95 1.70 -34.12 32.27
C ALA D 95 0.94 -34.23 30.96
N VAL D 96 0.25 -33.15 30.62
CA VAL D 96 -0.36 -32.96 29.31
C VAL D 96 0.58 -32.06 28.53
N TYR D 97 1.35 -32.65 27.62
CA TYR D 97 2.43 -31.92 26.95
C TYR D 97 1.88 -31.03 25.85
N TYR D 98 2.27 -29.76 25.87
CA TYR D 98 1.89 -28.78 24.85
C TYR D 98 3.10 -28.39 24.04
N CYS D 99 2.95 -28.38 22.72
CA CYS D 99 3.96 -27.83 21.83
C CYS D 99 3.59 -26.38 21.52
N ALA D 100 4.57 -25.49 21.62
CA ALA D 100 4.35 -24.06 21.59
C ALA D 100 5.07 -23.44 20.40
N ARG D 101 4.42 -22.44 19.79
CA ARG D 101 4.91 -21.79 18.58
C ARG D 101 5.37 -20.39 18.92
N TYR D 102 6.68 -20.22 19.09
CA TYR D 102 7.23 -18.89 19.31
C TYR D 102 7.19 -18.09 18.02
N SER D 103 6.81 -16.82 18.13
CA SER D 103 6.66 -15.92 16.98
C SER D 103 7.54 -14.71 17.22
N TYR D 104 8.72 -14.71 16.61
CA TYR D 104 9.73 -13.70 16.90
C TYR D 104 9.29 -12.32 16.44
N GLY D 105 9.69 -11.30 17.20
CA GLY D 105 9.39 -9.93 16.86
C GLY D 105 10.60 -9.19 16.31
N ASN D 106 10.53 -7.86 16.36
CA ASN D 106 11.60 -7.03 15.87
C ASN D 106 11.72 -5.79 16.73
N SER D 107 12.90 -5.16 16.65
CA SER D 107 13.19 -3.95 17.38
C SER D 107 13.49 -2.76 16.48
N TRP D 108 13.75 -2.98 15.20
CA TRP D 108 13.94 -1.86 14.28
C TRP D 108 12.63 -1.17 13.94
N SER D 109 11.50 -1.71 14.37
CA SER D 109 10.25 -0.97 14.32
C SER D 109 10.36 0.28 15.18
N TYR D 110 9.44 1.22 14.97
CA TYR D 110 9.41 2.41 15.80
C TYR D 110 8.92 2.12 17.21
N ASP D 111 8.24 0.98 17.41
CA ASP D 111 7.79 0.53 18.71
C ASP D 111 8.30 -0.89 18.93
N PRO D 112 9.52 -1.05 19.45
CA PRO D 112 10.12 -2.38 19.49
C PRO D 112 9.20 -3.42 20.14
N TYR D 113 9.08 -4.56 19.48
CA TYR D 113 8.24 -5.65 19.92
C TYR D 113 9.05 -6.67 20.72
N TYR D 114 8.33 -7.71 21.18
CA TYR D 114 8.92 -8.95 21.63
C TYR D 114 8.10 -10.10 21.07
N GLY D 115 8.75 -11.23 20.88
CA GLY D 115 8.07 -12.39 20.35
C GLY D 115 6.91 -12.81 21.23
N ALA D 116 6.07 -13.66 20.65
CA ALA D 116 4.88 -14.15 21.34
C ALA D 116 4.77 -15.64 21.14
N MET D 117 4.54 -16.37 22.23
CA MET D 117 4.25 -17.80 22.14
C MET D 117 2.79 -17.96 21.77
N ASP D 118 2.43 -17.46 20.59
CA ASP D 118 1.03 -17.18 20.27
C ASP D 118 0.18 -18.45 20.27
N TYR D 119 0.64 -19.50 19.59
CA TYR D 119 -0.18 -20.68 19.36
C TYR D 119 0.35 -21.85 20.18
N TRP D 120 -0.47 -22.35 21.10
CA TRP D 120 -0.22 -23.58 21.82
C TRP D 120 -1.02 -24.71 21.18
N GLY D 121 -0.50 -25.92 21.27
CA GLY D 121 -1.26 -27.07 20.83
C GLY D 121 -2.32 -27.46 21.83
N GLN D 122 -3.24 -28.31 21.39
CA GLN D 122 -4.35 -28.72 22.24
C GLN D 122 -3.88 -29.50 23.46
N GLY D 123 -2.68 -30.06 23.42
CA GLY D 123 -2.17 -30.87 24.50
C GLY D 123 -2.50 -32.35 24.31
N THR D 124 -1.71 -33.19 24.96
CA THR D 124 -1.91 -34.63 24.92
C THR D 124 -1.37 -35.23 26.22
N LEU D 125 -2.19 -36.05 26.86
CA LEU D 125 -1.82 -36.61 28.16
C LEU D 125 -0.74 -37.67 28.02
N VAL D 126 0.14 -37.73 29.01
CA VAL D 126 1.21 -38.72 29.06
C VAL D 126 1.37 -39.13 30.52
N THR D 127 1.01 -40.37 30.84
CA THR D 127 1.05 -40.88 32.20
C THR D 127 2.25 -41.81 32.37
N VAL D 128 3.08 -41.50 33.36
CA VAL D 128 4.24 -42.34 33.68
C VAL D 128 3.78 -43.32 34.76
N SER D 129 3.23 -44.45 34.32
CA SER D 129 2.74 -45.47 35.22
C SER D 129 2.17 -46.65 34.43
N SER E 1 20.87 -19.25 37.73
CA SER E 1 19.69 -19.12 38.63
C SER E 1 18.43 -18.88 37.81
N ASP E 2 17.49 -19.84 37.88
CA ASP E 2 16.25 -19.71 37.16
C ASP E 2 15.46 -18.50 37.67
N ILE E 3 14.68 -17.89 36.77
CA ILE E 3 13.95 -16.68 37.11
C ILE E 3 12.52 -17.02 37.50
N GLN E 4 12.31 -17.26 38.78
CA GLN E 4 10.96 -17.53 39.28
C GLN E 4 10.06 -16.33 39.04
N MET E 5 8.81 -16.61 38.70
CA MET E 5 7.78 -15.57 38.54
C MET E 5 6.86 -15.66 39.75
N THR E 6 7.13 -14.84 40.76
CA THR E 6 6.31 -14.80 41.94
C THR E 6 4.97 -14.15 41.63
N GLN E 7 3.94 -14.97 41.43
CA GLN E 7 2.61 -14.49 41.07
C GLN E 7 1.69 -14.68 42.27
N SER E 8 1.01 -13.60 42.66
CA SER E 8 0.01 -13.65 43.71
C SER E 8 -1.20 -12.83 43.28
N PRO E 9 -2.38 -13.15 43.79
CA PRO E 9 -2.70 -14.19 44.79
C PRO E 9 -2.86 -15.57 44.17
N SER E 10 -2.73 -16.64 44.95
CA SER E 10 -2.99 -17.97 44.42
C SER E 10 -4.43 -18.10 43.93
N SER E 11 -5.33 -17.28 44.45
CA SER E 11 -6.71 -17.26 43.99
C SER E 11 -7.35 -15.94 44.39
N LEU E 12 -8.44 -15.60 43.71
CA LEU E 12 -9.21 -14.41 44.06
C LEU E 12 -10.55 -14.43 43.32
N SER E 13 -11.64 -14.23 44.06
CA SER E 13 -12.99 -14.29 43.50
C SER E 13 -13.52 -12.87 43.30
N ALA E 14 -14.07 -12.62 42.12
CA ALA E 14 -14.62 -11.31 41.77
C ALA E 14 -15.99 -11.49 41.14
N SER E 15 -16.87 -10.51 41.38
CA SER E 15 -18.19 -10.54 40.77
C SER E 15 -18.11 -10.16 39.29
N VAL E 16 -19.08 -10.65 38.52
CA VAL E 16 -19.08 -10.40 37.09
C VAL E 16 -19.08 -8.90 36.84
N GLY E 17 -18.24 -8.46 35.90
CA GLY E 17 -18.15 -7.06 35.56
C GLY E 17 -17.16 -6.26 36.38
N ASP E 18 -16.57 -6.85 37.41
CA ASP E 18 -15.68 -6.10 38.29
C ASP E 18 -14.33 -5.87 37.62
N ARG E 19 -13.63 -4.84 38.11
CA ARG E 19 -12.28 -4.56 37.64
C ARG E 19 -11.29 -5.33 38.50
N VAL E 20 -10.48 -6.17 37.86
CA VAL E 20 -9.56 -7.07 38.56
C VAL E 20 -8.15 -6.84 38.02
N THR E 21 -7.17 -6.86 38.92
CA THR E 21 -5.77 -6.73 38.57
C THR E 21 -4.98 -7.89 39.18
N ILE E 22 -4.04 -8.43 38.41
CA ILE E 22 -3.25 -9.59 38.82
C ILE E 22 -1.78 -9.21 38.71
N THR E 23 -1.07 -9.28 39.84
CA THR E 23 0.31 -8.83 39.93
C THR E 23 1.26 -10.00 39.67
N CYS E 24 2.45 -9.67 39.19
CA CYS E 24 3.47 -10.66 38.85
C CYS E 24 4.84 -10.02 38.91
N ARG E 25 5.77 -10.67 39.61
CA ARG E 25 7.10 -10.13 39.85
C ARG E 25 8.17 -11.15 39.47
N ALA E 26 9.28 -10.65 38.94
CA ALA E 26 10.37 -11.47 38.47
C ALA E 26 11.59 -11.31 39.38
N SER E 27 12.34 -12.41 39.53
CA SER E 27 13.48 -12.41 40.44
C SER E 27 14.63 -11.53 39.96
N GLN E 28 14.62 -11.09 38.71
CA GLN E 28 15.56 -10.08 38.24
C GLN E 28 14.80 -9.09 37.36
N SER E 29 15.54 -8.19 36.72
CA SER E 29 14.93 -7.17 35.90
C SER E 29 14.50 -7.71 34.54
N VAL E 30 13.51 -8.59 34.53
CA VAL E 30 12.91 -8.99 33.26
C VAL E 30 12.35 -7.76 32.59
N SER E 31 12.64 -7.60 31.30
CA SER E 31 12.13 -6.45 30.57
C SER E 31 10.69 -6.70 30.14
N SER E 32 10.17 -5.86 29.25
CA SER E 32 8.77 -5.97 28.84
C SER E 32 8.46 -7.27 28.12
N ALA E 33 9.43 -8.17 27.99
CA ALA E 33 9.16 -9.48 27.41
C ALA E 33 8.39 -10.34 28.41
N VAL E 34 7.11 -10.03 28.60
CA VAL E 34 6.22 -10.79 29.47
C VAL E 34 4.87 -10.93 28.79
N ALA E 35 4.28 -12.12 28.87
CA ALA E 35 3.02 -12.43 28.21
C ALA E 35 2.09 -13.11 29.19
N TRP E 36 0.79 -12.93 28.98
CA TRP E 36 -0.24 -13.40 29.91
C TRP E 36 -1.11 -14.43 29.21
N TYR E 37 -1.30 -15.58 29.85
CA TYR E 37 -2.03 -16.70 29.27
C TYR E 37 -3.23 -17.07 30.13
N GLN E 38 -4.30 -17.50 29.47
CA GLN E 38 -5.53 -17.90 30.10
C GLN E 38 -5.74 -19.40 29.87
N GLN E 39 -5.91 -20.15 30.95
CA GLN E 39 -6.05 -21.60 30.88
C GLN E 39 -7.38 -22.00 31.50
N LYS E 40 -8.39 -22.17 30.66
CA LYS E 40 -9.65 -22.71 31.14
C LYS E 40 -9.47 -24.19 31.48
N PRO E 41 -10.35 -24.75 32.32
CA PRO E 41 -10.13 -26.12 32.79
C PRO E 41 -10.06 -27.11 31.62
N GLY E 42 -9.06 -27.99 31.67
CA GLY E 42 -8.87 -28.98 30.63
C GLY E 42 -8.69 -28.37 29.25
N LYS E 43 -7.85 -27.36 29.14
CA LYS E 43 -7.63 -26.70 27.86
C LYS E 43 -6.21 -26.15 27.83
N ALA E 44 -5.72 -25.92 26.61
CA ALA E 44 -4.38 -25.40 26.43
C ALA E 44 -4.34 -23.89 26.69
N PRO E 45 -3.23 -23.36 27.18
CA PRO E 45 -3.15 -21.91 27.42
C PRO E 45 -3.39 -21.11 26.15
N LYS E 46 -4.02 -19.96 26.31
CA LYS E 46 -4.27 -19.02 25.22
C LYS E 46 -3.62 -17.69 25.55
N LEU E 47 -2.90 -17.13 24.59
CA LEU E 47 -2.20 -15.86 24.81
C LEU E 47 -3.20 -14.72 24.96
N LEU E 48 -2.93 -13.82 25.90
CA LEU E 48 -3.69 -12.59 26.07
C LEU E 48 -2.87 -11.35 25.74
N ILE E 49 -1.70 -11.19 26.34
CA ILE E 49 -0.88 -10.01 26.14
C ILE E 49 0.54 -10.45 25.85
N TYR E 50 1.28 -9.61 25.11
CA TYR E 50 2.70 -9.82 24.89
C TYR E 50 3.36 -8.45 24.76
N SER E 51 4.69 -8.46 24.81
CA SER E 51 5.48 -7.25 25.02
C SER E 51 5.10 -6.56 26.33
N ALA E 52 4.41 -7.30 27.21
CA ALA E 52 3.97 -6.85 28.53
C ALA E 52 2.82 -5.85 28.44
N SER E 53 2.50 -5.35 27.25
CA SER E 53 1.42 -4.37 27.12
C SER E 53 0.50 -4.61 25.93
N SER E 54 0.95 -5.24 24.85
CA SER E 54 0.20 -5.22 23.59
C SER E 54 -0.88 -6.29 23.60
N LEU E 55 -2.12 -5.87 23.37
CA LEU E 55 -3.22 -6.82 23.26
C LEU E 55 -2.99 -7.75 22.07
N TYR E 56 -3.11 -9.05 22.32
CA TYR E 56 -2.94 -10.02 21.25
C TYR E 56 -4.15 -10.00 20.32
N SER E 57 -3.90 -10.17 19.03
CA SER E 57 -4.95 -10.07 18.03
C SER E 57 -6.10 -11.00 18.35
N GLY E 58 -7.31 -10.44 18.43
CA GLY E 58 -8.51 -11.19 18.71
C GLY E 58 -8.89 -11.25 20.17
N VAL E 59 -7.98 -10.97 21.08
CA VAL E 59 -8.28 -11.05 22.52
C VAL E 59 -9.18 -9.88 22.89
N PRO E 60 -10.10 -10.04 23.84
CA PRO E 60 -10.99 -8.94 24.19
C PRO E 60 -10.22 -7.70 24.62
N SER E 61 -10.76 -6.53 24.28
CA SER E 61 -10.07 -5.28 24.55
C SER E 61 -9.96 -4.99 26.03
N ARG E 62 -10.86 -5.56 26.86
CA ARG E 62 -10.80 -5.29 28.28
C ARG E 62 -9.50 -5.77 28.89
N PHE E 63 -8.96 -6.89 28.41
CA PHE E 63 -7.69 -7.40 28.89
C PHE E 63 -6.57 -6.42 28.55
N SER E 64 -5.64 -6.23 29.48
CA SER E 64 -4.52 -5.34 29.25
C SER E 64 -3.46 -5.61 30.31
N GLY E 65 -2.21 -5.38 29.93
CA GLY E 65 -1.09 -5.51 30.84
C GLY E 65 -0.29 -4.22 30.90
N SER E 66 0.47 -4.07 31.99
CA SER E 66 1.30 -2.88 32.19
C SER E 66 2.50 -3.26 33.03
N ARG E 67 3.67 -2.79 32.62
CA ARG E 67 4.92 -3.02 33.34
C ARG E 67 5.31 -1.78 34.11
N SER E 68 5.52 -1.94 35.41
CA SER E 68 6.10 -0.90 36.25
C SER E 68 7.28 -1.51 36.99
N GLY E 69 8.49 -1.05 36.66
CA GLY E 69 9.68 -1.68 37.18
C GLY E 69 9.71 -3.14 36.81
N THR E 70 9.86 -4.02 37.79
CA THR E 70 9.80 -5.45 37.58
C THR E 70 8.53 -6.06 38.14
N ASP E 71 7.44 -5.30 38.14
CA ASP E 71 6.12 -5.78 38.56
C ASP E 71 5.16 -5.65 37.40
N PHE E 72 4.48 -6.74 37.07
CA PHE E 72 3.59 -6.79 35.93
C PHE E 72 2.16 -7.00 36.41
N THR E 73 1.23 -6.24 35.82
CA THR E 73 -0.16 -6.22 36.25
C THR E 73 -1.05 -6.53 35.05
N LEU E 74 -1.87 -7.56 35.18
CA LEU E 74 -2.84 -7.93 34.15
C LEU E 74 -4.21 -7.44 34.60
N THR E 75 -4.83 -6.58 33.79
CA THR E 75 -6.04 -5.88 34.18
C THR E 75 -7.26 -6.50 33.50
N ILE E 76 -8.30 -6.75 34.29
CA ILE E 76 -9.65 -6.97 33.79
C ILE E 76 -10.42 -5.68 34.04
N SER E 77 -10.81 -4.99 32.96
CA SER E 77 -11.59 -3.77 33.15
C SER E 77 -13.03 -4.09 33.53
N SER E 78 -13.61 -5.14 32.95
CA SER E 78 -14.99 -5.52 33.23
C SER E 78 -15.09 -7.04 33.09
N LEU E 79 -15.06 -7.73 34.22
CA LEU E 79 -15.05 -9.19 34.20
C LEU E 79 -16.31 -9.72 33.56
N GLN E 80 -16.16 -10.80 32.80
CA GLN E 80 -17.26 -11.49 32.13
C GLN E 80 -17.22 -12.95 32.53
N PRO E 81 -18.34 -13.67 32.38
CA PRO E 81 -18.37 -15.08 32.81
C PRO E 81 -17.38 -15.96 32.09
N GLU E 82 -16.88 -15.52 30.93
CA GLU E 82 -15.90 -16.30 30.18
C GLU E 82 -14.47 -16.02 30.60
N ASP E 83 -14.26 -15.24 31.67
CA ASP E 83 -12.93 -14.94 32.18
C ASP E 83 -12.54 -15.86 33.35
N PHE E 84 -13.32 -16.88 33.63
CA PHE E 84 -12.97 -17.85 34.67
C PHE E 84 -11.90 -18.79 34.12
N ALA E 85 -10.70 -18.71 34.67
CA ALA E 85 -9.60 -19.56 34.24
C ALA E 85 -8.39 -19.26 35.11
N THR E 86 -7.45 -20.20 35.13
CA THR E 86 -6.21 -20.06 35.89
C THR E 86 -5.23 -19.25 35.05
N TYR E 87 -5.18 -17.95 35.30
CA TYR E 87 -4.31 -17.07 34.52
C TYR E 87 -2.86 -17.31 34.88
N TYR E 88 -1.95 -16.92 33.99
CA TYR E 88 -0.53 -17.20 34.13
C TYR E 88 0.27 -16.00 33.67
N CYS E 89 1.24 -15.60 34.49
CA CYS E 89 2.33 -14.75 34.04
C CYS E 89 3.30 -15.60 33.23
N GLN E 90 4.28 -14.93 32.62
CA GLN E 90 5.36 -15.63 31.94
C GLN E 90 6.46 -14.65 31.61
N GLN E 91 7.68 -15.18 31.50
CA GLN E 91 8.84 -14.41 31.09
C GLN E 91 9.55 -15.18 30.00
N TYR E 92 9.55 -14.65 28.77
CA TYR E 92 10.37 -15.21 27.71
C TYR E 92 11.57 -14.33 27.39
N TYR E 93 11.87 -13.34 28.24
CA TYR E 93 13.08 -12.57 28.06
C TYR E 93 14.32 -13.44 28.24
N TRP E 94 14.35 -14.22 29.32
CA TRP E 94 15.50 -15.02 29.68
C TRP E 94 15.17 -16.50 29.54
N ALA E 95 16.13 -17.26 29.03
CA ALA E 95 15.97 -18.71 28.99
C ALA E 95 16.41 -19.30 30.32
N PRO E 96 15.72 -20.32 30.84
CA PRO E 96 14.54 -21.01 30.30
C PRO E 96 13.25 -20.22 30.45
N ILE E 97 12.23 -20.51 29.63
CA ILE E 97 10.93 -19.89 29.83
C ILE E 97 10.30 -20.44 31.09
N THR E 98 9.72 -19.57 31.91
CA THR E 98 9.05 -19.96 33.14
C THR E 98 7.73 -19.22 33.25
N PHE E 99 6.81 -19.82 34.00
CA PHE E 99 5.48 -19.28 34.23
C PHE E 99 5.26 -19.11 35.73
N GLY E 100 4.37 -18.20 36.08
CA GLY E 100 3.96 -18.08 37.46
C GLY E 100 3.10 -19.25 37.90
N GLN E 101 3.00 -19.42 39.22
CA GLN E 101 2.31 -20.58 39.76
C GLN E 101 0.83 -20.58 39.40
N GLY E 102 0.28 -19.45 38.99
CA GLY E 102 -1.08 -19.37 38.55
C GLY E 102 -1.92 -18.48 39.45
N THR E 103 -3.14 -18.21 38.98
CA THR E 103 -4.09 -17.37 39.69
C THR E 103 -5.49 -17.92 39.39
N LYS E 104 -6.10 -18.55 40.38
CA LYS E 104 -7.41 -19.14 40.21
C LYS E 104 -8.50 -18.14 40.57
N VAL E 105 -9.32 -17.79 39.59
CA VAL E 105 -10.44 -16.86 39.78
C VAL E 105 -11.72 -17.68 39.85
N GLU E 106 -12.55 -17.39 40.85
CA GLU E 106 -13.79 -18.11 41.09
C GLU E 106 -14.96 -17.16 40.90
N ILE E 107 -15.97 -17.59 40.16
CA ILE E 107 -17.13 -16.78 39.87
C ILE E 107 -18.38 -17.43 40.48
#